data_1NQU
#
_entry.id   1NQU
#
_cell.length_a   180.570
_cell.length_b   180.570
_cell.length_c   180.570
_cell.angle_alpha   90.00
_cell.angle_beta   90.00
_cell.angle_gamma   90.00
#
_symmetry.space_group_name_H-M   'I 2 3'
#
loop_
_entity.id
_entity.type
_entity.pdbx_description
1 polymer '6,7-dimethyl-8-ribityllumazine synthase'
2 non-polymer 'PHOSPHATE ION'
3 non-polymer 6,7-DIOXO-5H-8-RIBITYLAMINOLUMAZINE
4 water water
#
_entity_poly.entity_id   1
_entity_poly.type   'polypeptide(L)'
_entity_poly.pdbx_seq_one_letter_code
;MQIYEGKLTAEGLRFGIVASRFNHALVDRLVEGAIDCIVRHGGREEDITLVRVPGSWEIPVAAGELARKEDIDAVIAIGV
LIRGATPHFDYIASEVSKGLANLSLELRKPITFGVITADTLEQAIERAGTKHGNKGWEAALSAIEMANLFKSLR
;
_entity_poly.pdbx_strand_id   A,B,C,D,E
#
loop_
_chem_comp.id
_chem_comp.type
_chem_comp.name
_chem_comp.formula
PO4 non-polymer 'PHOSPHATE ION' 'O4 P -3'
RDL non-polymer 6,7-DIOXO-5H-8-RIBITYLAMINOLUMAZINE 'C11 H14 N4 O8'
#
# COMPACT_ATOMS: atom_id res chain seq x y z
N MET A 1 10.11 22.89 27.04
CA MET A 1 9.72 21.89 26.00
C MET A 1 9.49 20.57 26.68
N GLN A 2 8.41 19.87 26.35
CA GLN A 2 8.20 18.50 26.86
C GLN A 2 9.04 17.52 26.04
N ILE A 3 9.84 16.69 26.71
CA ILE A 3 10.69 15.73 26.01
C ILE A 3 10.39 14.33 26.51
N TYR A 4 10.06 13.44 25.58
CA TYR A 4 9.82 12.05 25.90
C TYR A 4 10.90 11.20 25.26
N GLU A 5 11.48 10.30 26.03
CA GLU A 5 12.46 9.36 25.46
C GLU A 5 12.45 8.07 26.26
N GLY A 6 12.99 7.01 25.68
CA GLY A 6 13.13 5.76 26.38
C GLY A 6 14.57 5.50 26.79
N LYS A 7 14.76 5.08 28.03
CA LYS A 7 16.06 4.60 28.46
C LYS A 7 16.32 3.16 27.90
N LEU A 8 17.50 2.62 28.19
CA LEU A 8 17.89 1.35 27.63
C LEU A 8 18.00 0.23 28.68
N THR A 9 17.52 0.48 29.90
CA THR A 9 17.49 -0.56 30.93
C THR A 9 16.19 -1.30 30.73
N ALA A 10 16.21 -2.63 30.79
CA ALA A 10 15.05 -3.41 30.41
C ALA A 10 14.40 -4.13 31.57
N GLU A 11 14.73 -3.74 32.81
CA GLU A 11 14.11 -4.37 33.97
C GLU A 11 12.57 -4.31 33.87
N GLY A 12 11.93 -5.45 34.08
CA GLY A 12 10.49 -5.52 34.02
C GLY A 12 9.82 -5.61 32.67
N LEU A 13 10.59 -5.44 31.60
CA LEU A 13 9.98 -5.42 30.27
C LEU A 13 9.79 -6.82 29.75
N ARG A 14 8.76 -6.97 28.92
CA ARG A 14 8.36 -8.25 28.39
C ARG A 14 8.32 -8.14 26.87
N PHE A 15 9.02 -9.05 26.21
CA PHE A 15 9.19 -8.99 24.75
C PHE A 15 8.68 -10.21 24.02
N GLY A 16 8.11 -9.97 22.84
CA GLY A 16 7.79 -11.04 21.91
C GLY A 16 8.79 -11.00 20.78
N ILE A 17 9.28 -12.14 20.39
CA ILE A 17 10.18 -12.28 19.25
C ILE A 17 9.49 -13.23 18.28
N VAL A 18 9.37 -12.83 17.01
CA VAL A 18 8.88 -13.74 15.98
C VAL A 18 10.04 -13.96 15.03
N ALA A 19 10.46 -15.20 14.87
CA ALA A 19 11.63 -15.53 14.06
C ALA A 19 11.32 -16.62 13.05
N SER A 20 11.62 -16.35 11.79
CA SER A 20 11.36 -17.31 10.73
C SER A 20 12.49 -18.35 10.60
N ARG A 21 12.17 -19.47 9.98
CA ARG A 21 13.12 -20.57 9.85
C ARG A 21 13.90 -20.58 8.55
N PHE A 22 13.36 -19.95 7.51
CA PHE A 22 14.07 -19.89 6.23
C PHE A 22 15.41 -19.17 6.51
N ASN A 23 16.52 -19.64 5.95
CA ASN A 23 17.84 -19.08 6.23
C ASN A 23 18.18 -19.14 7.73
N HIS A 24 17.77 -20.23 8.37
CA HIS A 24 17.96 -20.36 9.82
C HIS A 24 19.40 -20.25 10.31
N ALA A 25 20.38 -20.63 9.50
CA ALA A 25 21.76 -20.55 9.97
C ALA A 25 22.12 -19.11 10.27
N LEU A 26 21.44 -18.17 9.61
CA LEU A 26 21.62 -16.74 9.87
C LEU A 26 20.59 -16.23 10.87
N VAL A 27 19.32 -16.59 10.70
CA VAL A 27 18.29 -16.14 11.65
C VAL A 27 18.67 -16.55 13.08
N ASP A 28 19.18 -17.76 13.25
CA ASP A 28 19.52 -18.20 14.60
C ASP A 28 20.55 -17.30 15.27
N ARG A 29 21.46 -16.72 14.49
CA ARG A 29 22.40 -15.74 15.05
C ARG A 29 21.69 -14.44 15.47
N LEU A 30 20.70 -14.00 14.67
CA LEU A 30 19.91 -12.83 15.02
C LEU A 30 19.13 -13.02 16.31
N VAL A 31 18.56 -14.22 16.46
CA VAL A 31 17.82 -14.56 17.69
C VAL A 31 18.76 -14.54 18.91
N GLU A 32 19.94 -15.13 18.77
CA GLU A 32 20.94 -15.09 19.85
C GLU A 32 21.25 -13.64 20.24
N GLY A 33 21.40 -12.79 19.24
CA GLY A 33 21.68 -11.36 19.48
C GLY A 33 20.56 -10.66 20.21
N ALA A 34 19.32 -10.90 19.78
CA ALA A 34 18.18 -10.24 20.40
C ALA A 34 18.06 -10.63 21.87
N ILE A 35 18.19 -11.92 22.12
CA ILE A 35 18.05 -12.41 23.51
C ILE A 35 19.17 -11.87 24.41
N ASP A 36 20.40 -11.89 23.91
CA ASP A 36 21.52 -11.39 24.66
C ASP A 36 21.32 -9.89 24.96
N CYS A 37 20.87 -9.13 23.97
CA CYS A 37 20.63 -7.70 24.18
C CYS A 37 19.63 -7.48 25.30
N ILE A 38 18.53 -8.23 25.26
CA ILE A 38 17.50 -8.09 26.29
C ILE A 38 18.03 -8.44 27.66
N VAL A 39 18.65 -9.61 27.77
CA VAL A 39 19.12 -10.10 29.07
C VAL A 39 20.20 -9.22 29.67
N ARG A 40 21.17 -8.80 28.87
CA ARG A 40 22.26 -8.02 29.48
C ARG A 40 21.87 -6.55 29.72
N HIS A 41 20.74 -6.12 29.18
CA HIS A 41 20.15 -4.82 29.53
C HIS A 41 19.22 -4.92 30.75
N GLY A 42 19.09 -6.11 31.31
CA GLY A 42 18.31 -6.28 32.54
C GLY A 42 16.95 -6.95 32.40
N GLY A 43 16.59 -7.32 31.19
CA GLY A 43 15.35 -8.05 30.98
C GLY A 43 15.53 -9.47 31.40
N ARG A 44 14.45 -10.12 31.87
CA ARG A 44 14.56 -11.52 32.25
C ARG A 44 14.26 -12.40 31.04
N GLU A 45 15.02 -13.46 30.86
CA GLU A 45 14.75 -14.37 29.76
C GLU A 45 13.36 -14.94 29.84
N GLU A 46 12.87 -15.16 31.07
CA GLU A 46 11.56 -15.72 31.28
C GLU A 46 10.48 -14.84 30.71
N ASP A 47 10.81 -13.57 30.53
CA ASP A 47 9.85 -12.59 30.07
C ASP A 47 9.90 -12.37 28.56
N ILE A 48 10.61 -13.26 27.88
CA ILE A 48 10.63 -13.31 26.42
C ILE A 48 9.71 -14.41 25.94
N THR A 49 8.91 -14.11 24.93
CA THR A 49 8.11 -15.13 24.27
C THR A 49 8.65 -15.21 22.86
N LEU A 50 9.11 -16.39 22.45
CA LEU A 50 9.66 -16.63 21.11
C LEU A 50 8.65 -17.45 20.31
N VAL A 51 8.31 -16.97 19.14
CA VAL A 51 7.41 -17.68 18.24
C VAL A 51 8.17 -17.96 16.95
N ARG A 52 8.20 -19.22 16.52
CA ARG A 52 8.86 -19.58 15.28
C ARG A 52 7.84 -19.75 14.16
N VAL A 53 8.19 -19.31 12.95
CA VAL A 53 7.33 -19.43 11.80
C VAL A 53 8.18 -19.89 10.60
N PRO A 54 7.57 -20.44 9.57
CA PRO A 54 8.34 -20.94 8.43
C PRO A 54 9.21 -19.93 7.71
N GLY A 55 8.63 -18.83 7.26
CA GLY A 55 9.36 -17.84 6.50
C GLY A 55 8.98 -16.41 6.83
N SER A 56 9.67 -15.45 6.23
CA SER A 56 9.37 -14.06 6.46
C SER A 56 7.93 -13.74 6.17
N TRP A 57 7.35 -14.38 5.17
CA TRP A 57 5.96 -14.15 4.82
C TRP A 57 5.01 -14.31 5.99
N GLU A 58 5.33 -15.30 6.83
CA GLU A 58 4.48 -15.69 7.95
C GLU A 58 4.74 -14.88 9.21
N ILE A 59 5.77 -14.03 9.21
CA ILE A 59 6.06 -13.25 10.42
C ILE A 59 4.90 -12.32 10.84
N PRO A 60 4.31 -11.53 9.93
CA PRO A 60 3.27 -10.60 10.37
C PRO A 60 2.10 -11.23 11.07
N VAL A 61 1.53 -12.30 10.54
CA VAL A 61 0.33 -12.85 11.20
C VAL A 61 0.66 -13.34 12.60
N ALA A 62 1.83 -13.91 12.80
CA ALA A 62 2.24 -14.30 14.15
C ALA A 62 2.52 -13.09 15.04
N ALA A 63 3.16 -12.08 14.49
CA ALA A 63 3.46 -10.85 15.25
C ALA A 63 2.18 -10.17 15.70
N GLY A 64 1.14 -10.22 14.86
CA GLY A 64 -0.16 -9.68 15.19
C GLY A 64 -0.75 -10.35 16.44
N GLU A 65 -0.58 -11.66 16.56
CA GLU A 65 -1.08 -12.36 17.72
C GLU A 65 -0.31 -11.98 18.97
N LEU A 66 1.02 -11.88 18.87
CA LEU A 66 1.83 -11.48 20.02
C LEU A 66 1.62 -10.06 20.44
N ALA A 67 1.52 -9.15 19.47
CA ALA A 67 1.37 -7.76 19.80
C ALA A 67 0.04 -7.49 20.46
N ARG A 68 -0.94 -8.37 20.23
CA ARG A 68 -2.25 -8.18 20.86
C ARG A 68 -2.26 -8.58 22.35
N LYS A 69 -1.22 -9.26 22.81
CA LYS A 69 -1.16 -9.67 24.22
C LYS A 69 -0.87 -8.49 25.13
N GLU A 70 -1.65 -8.31 26.17
CA GLU A 70 -1.50 -7.23 27.07
C GLU A 70 -0.19 -7.24 27.84
N ASP A 71 0.33 -8.45 28.02
CA ASP A 71 1.55 -8.63 28.77
C ASP A 71 2.79 -8.69 27.87
N ILE A 72 2.67 -8.20 26.63
CA ILE A 72 3.83 -8.08 25.76
C ILE A 72 4.02 -6.58 25.51
N ASP A 73 5.18 -6.03 25.85
CA ASP A 73 5.39 -4.60 25.73
C ASP A 73 5.83 -4.13 24.33
N ALA A 74 6.52 -5.02 23.62
CA ALA A 74 7.00 -4.76 22.28
C ALA A 74 7.30 -6.09 21.59
N VAL A 75 7.18 -6.08 20.27
CA VAL A 75 7.50 -7.24 19.46
C VAL A 75 8.69 -6.95 18.54
N ILE A 76 9.58 -7.92 18.45
CA ILE A 76 10.78 -7.84 17.63
C ILE A 76 10.62 -8.87 16.51
N ALA A 77 10.64 -8.40 15.27
CA ALA A 77 10.51 -9.26 14.10
C ALA A 77 11.86 -9.62 13.55
N ILE A 78 12.14 -10.92 13.41
CA ILE A 78 13.44 -11.39 12.98
C ILE A 78 13.33 -12.36 11.83
N GLY A 79 14.00 -12.06 10.73
CA GLY A 79 14.03 -12.96 9.58
C GLY A 79 15.17 -12.59 8.65
N VAL A 80 15.43 -13.45 7.66
CA VAL A 80 16.48 -13.17 6.68
C VAL A 80 15.97 -13.46 5.28
N LEU A 81 15.85 -12.40 4.51
CA LEU A 81 15.50 -12.44 3.09
C LEU A 81 16.75 -12.17 2.27
N ILE A 82 17.01 -13.06 1.31
CA ILE A 82 18.12 -12.92 0.39
C ILE A 82 17.56 -13.06 -1.01
N ARG A 83 17.89 -12.09 -1.85
CA ARG A 83 17.37 -12.05 -3.20
C ARG A 83 17.78 -13.29 -3.98
N GLY A 84 16.80 -13.89 -4.66
CA GLY A 84 17.03 -15.00 -5.56
C GLY A 84 17.03 -14.53 -7.02
N ALA A 85 16.80 -15.45 -7.94
CA ALA A 85 16.82 -15.12 -9.36
C ALA A 85 15.57 -14.36 -9.80
N THR A 86 14.46 -14.56 -9.09
CA THR A 86 13.18 -13.94 -9.48
C THR A 86 12.81 -12.81 -8.54
N PRO A 87 11.78 -12.03 -8.87
CA PRO A 87 11.30 -10.99 -7.97
C PRO A 87 10.55 -11.49 -6.74
N HIS A 88 10.54 -12.79 -6.50
CA HIS A 88 9.87 -13.32 -5.31
C HIS A 88 10.27 -12.54 -4.03
N PHE A 89 11.57 -12.31 -3.86
CA PHE A 89 12.09 -11.54 -2.72
C PHE A 89 11.42 -10.20 -2.54
N ASP A 90 11.22 -9.48 -3.62
CA ASP A 90 10.66 -8.16 -3.54
C ASP A 90 9.23 -8.19 -2.96
N TYR A 91 8.42 -9.15 -3.43
CA TYR A 91 7.03 -9.21 -3.02
C TYR A 91 6.95 -9.62 -1.54
N ILE A 92 7.78 -10.56 -1.13
CA ILE A 92 7.78 -10.97 0.30
C ILE A 92 8.31 -9.84 1.20
N ALA A 93 9.42 -9.22 0.81
CA ALA A 93 10.01 -8.14 1.61
C ALA A 93 9.02 -6.98 1.73
N SER A 94 8.33 -6.67 0.64
CA SER A 94 7.35 -5.60 0.66
C SER A 94 6.24 -5.88 1.63
N GLU A 95 5.71 -7.08 1.57
CA GLU A 95 4.57 -7.37 2.43
C GLU A 95 4.95 -7.62 3.88
N VAL A 96 6.12 -8.14 4.16
CA VAL A 96 6.52 -8.35 5.54
C VAL A 96 6.73 -6.99 6.20
N SER A 97 7.39 -6.10 5.49
CA SER A 97 7.61 -4.75 6.01
C SER A 97 6.29 -3.99 6.15
N LYS A 98 5.41 -4.05 5.16
CA LYS A 98 4.14 -3.33 5.26
C LYS A 98 3.28 -3.87 6.42
N GLY A 99 3.25 -5.18 6.56
CA GLY A 99 2.45 -5.82 7.58
C GLY A 99 2.84 -5.46 9.00
N LEU A 100 4.13 -5.54 9.26
CA LEU A 100 4.62 -5.21 10.56
C LEU A 100 4.35 -3.75 10.88
N ALA A 101 4.58 -2.89 9.91
CA ALA A 101 4.43 -1.45 10.16
C ALA A 101 2.97 -1.15 10.43
N ASN A 102 2.09 -1.75 9.65
CA ASN A 102 0.65 -1.55 9.77
C ASN A 102 0.15 -2.04 11.14
N LEU A 103 0.63 -3.21 11.55
CA LEU A 103 0.22 -3.78 12.83
C LEU A 103 0.62 -2.90 13.98
N SER A 104 1.81 -2.35 13.89
CA SER A 104 2.29 -1.48 14.94
C SER A 104 1.35 -0.27 15.13
N LEU A 105 0.92 0.30 14.01
CA LEU A 105 0.01 1.44 14.07
C LEU A 105 -1.38 1.03 14.54
N GLU A 106 -1.88 -0.08 14.03
CA GLU A 106 -3.21 -0.53 14.38
C GLU A 106 -3.31 -0.86 15.87
N LEU A 107 -2.28 -1.51 16.39
CA LEU A 107 -2.29 -1.95 17.78
C LEU A 107 -1.63 -0.96 18.75
N ARG A 108 -1.15 0.15 18.21
CA ARG A 108 -0.46 1.18 18.99
C ARG A 108 0.56 0.57 19.95
N LYS A 109 1.44 -0.24 19.38
CA LYS A 109 2.47 -0.94 20.14
C LYS A 109 3.71 -1.09 19.29
N PRO A 110 4.88 -0.86 19.85
CA PRO A 110 6.11 -0.97 19.06
C PRO A 110 6.37 -2.37 18.54
N ILE A 111 6.64 -2.44 17.25
CA ILE A 111 7.06 -3.67 16.61
C ILE A 111 8.32 -3.26 15.84
N THR A 112 9.47 -3.84 16.18
CA THR A 112 10.73 -3.42 15.59
C THR A 112 11.15 -4.37 14.49
N PHE A 113 12.06 -3.88 13.65
CA PHE A 113 12.37 -4.50 12.37
C PHE A 113 13.78 -5.07 12.33
N GLY A 114 13.88 -6.35 12.65
CA GLY A 114 15.13 -7.08 12.60
C GLY A 114 15.16 -8.07 11.45
N VAL A 115 14.56 -7.69 10.34
CA VAL A 115 14.52 -8.51 9.15
C VAL A 115 15.59 -8.03 8.16
N ILE A 116 16.55 -8.89 7.87
CA ILE A 116 17.57 -8.57 6.87
C ILE A 116 16.90 -8.71 5.49
N THR A 117 17.17 -7.75 4.61
CA THR A 117 16.68 -7.82 3.25
C THR A 117 17.90 -7.58 2.37
N ALA A 118 18.60 -8.65 2.07
CA ALA A 118 19.89 -8.59 1.40
C ALA A 118 19.84 -8.98 -0.06
N ASP A 119 20.71 -8.36 -0.87
CA ASP A 119 20.84 -8.76 -2.26
C ASP A 119 21.67 -10.02 -2.36
N THR A 120 22.63 -10.19 -1.45
CA THR A 120 23.52 -11.33 -1.49
C THR A 120 23.66 -12.07 -0.17
N LEU A 121 24.12 -13.30 -0.26
CA LEU A 121 24.39 -14.08 0.92
C LEU A 121 25.46 -13.39 1.78
N GLU A 122 26.49 -12.86 1.15
CA GLU A 122 27.55 -12.18 1.89
C GLU A 122 26.97 -11.03 2.70
N GLN A 123 26.09 -10.24 2.12
CA GLN A 123 25.46 -9.15 2.85
C GLN A 123 24.67 -9.65 4.06
N ALA A 124 23.99 -10.78 3.89
CA ALA A 124 23.24 -11.34 5.01
C ALA A 124 24.18 -11.76 6.14
N ILE A 125 25.28 -12.41 5.78
CA ILE A 125 26.25 -12.86 6.77
C ILE A 125 26.82 -11.66 7.51
N GLU A 126 27.15 -10.59 6.78
CA GLU A 126 27.68 -9.37 7.37
C GLU A 126 26.80 -8.83 8.48
N ARG A 127 25.49 -8.99 8.32
CA ARG A 127 24.50 -8.38 9.20
C ARG A 127 23.95 -9.34 10.27
N ALA A 128 24.44 -10.57 10.27
CA ALA A 128 23.99 -11.59 11.19
C ALA A 128 25.08 -12.01 12.18
N GLY A 129 25.71 -11.02 12.80
CA GLY A 129 26.75 -11.24 13.77
C GLY A 129 28.18 -11.20 13.28
N THR A 130 28.41 -10.57 12.13
CA THR A 130 29.79 -10.35 11.69
C THR A 130 30.07 -8.88 11.45
N LYS A 131 30.69 -8.58 10.32
CA LYS A 131 31.27 -7.25 10.23
C LYS A 131 30.33 -6.03 10.25
N HIS A 132 29.04 -6.23 9.97
CA HIS A 132 28.07 -5.14 10.05
C HIS A 132 27.12 -5.35 11.23
N GLY A 133 27.58 -6.04 12.25
CA GLY A 133 26.81 -6.19 13.48
C GLY A 133 25.79 -7.28 13.43
N ASN A 134 24.78 -7.15 14.26
CA ASN A 134 23.75 -8.15 14.40
C ASN A 134 22.41 -7.45 14.44
N LYS A 135 21.62 -7.64 13.41
CA LYS A 135 20.36 -6.93 13.26
C LYS A 135 19.35 -7.33 14.32
N GLY A 136 19.47 -8.54 14.87
CA GLY A 136 18.63 -8.98 15.97
C GLY A 136 18.90 -8.16 17.21
N TRP A 137 20.16 -8.00 17.53
CA TRP A 137 20.59 -7.15 18.66
C TRP A 137 20.08 -5.72 18.47
N GLU A 138 20.20 -5.17 17.26
CA GLU A 138 19.76 -3.81 16.99
C GLU A 138 18.23 -3.65 17.16
N ALA A 139 17.46 -4.61 16.65
CA ALA A 139 16.01 -4.55 16.73
C ALA A 139 15.53 -4.74 18.17
N ALA A 140 16.28 -5.53 18.92
CA ALA A 140 15.98 -5.70 20.35
C ALA A 140 16.23 -4.42 21.13
N LEU A 141 17.37 -3.78 20.87
CA LEU A 141 17.70 -2.55 21.57
C LEU A 141 16.64 -1.49 21.27
N SER A 142 16.20 -1.44 20.01
CA SER A 142 15.14 -0.53 19.66
C SER A 142 13.85 -0.82 20.43
N ALA A 143 13.55 -2.10 20.58
CA ALA A 143 12.33 -2.49 21.27
C ALA A 143 12.39 -2.13 22.75
N ILE A 144 13.58 -2.25 23.35
CA ILE A 144 13.76 -1.84 24.74
C ILE A 144 13.44 -0.35 24.87
N GLU A 145 14.05 0.43 23.99
CA GLU A 145 13.86 1.86 24.03
C GLU A 145 12.40 2.23 23.85
N MET A 146 11.75 1.59 22.88
CA MET A 146 10.37 1.91 22.55
C MET A 146 9.42 1.52 23.66
N ALA A 147 9.64 0.36 24.25
CA ALA A 147 8.80 -0.07 25.35
C ALA A 147 8.90 0.91 26.53
N ASN A 148 10.11 1.33 26.85
CA ASN A 148 10.31 2.32 27.92
C ASN A 148 9.64 3.66 27.54
N LEU A 149 9.82 4.09 26.29
CA LEU A 149 9.17 5.32 25.84
C LEU A 149 7.66 5.23 26.05
N PHE A 150 7.12 4.11 25.63
CA PHE A 150 5.67 3.95 25.66
C PHE A 150 5.12 3.93 27.09
N LYS A 151 5.96 3.65 28.07
CA LYS A 151 5.46 3.66 29.44
C LYS A 151 4.97 5.08 29.79
N SER A 152 5.54 6.12 29.18
CA SER A 152 5.00 7.50 29.37
C SER A 152 4.17 8.05 28.22
N LEU A 153 4.48 7.59 27.02
CA LEU A 153 3.83 8.14 25.86
C LEU A 153 2.45 7.54 25.55
N ARG A 154 2.28 6.24 25.79
CA ARG A 154 1.05 5.52 25.40
C ARG A 154 -0.07 5.76 26.40
N MET B 1 11.77 -19.01 29.25
CA MET B 1 11.33 -18.39 27.96
C MET B 1 10.13 -19.17 27.43
N GLN B 2 9.03 -18.47 27.11
CA GLN B 2 7.91 -19.13 26.47
C GLN B 2 8.23 -19.32 24.99
N ILE B 3 8.09 -20.54 24.50
CA ILE B 3 8.37 -20.81 23.09
C ILE B 3 7.15 -21.43 22.44
N TYR B 4 6.73 -20.84 21.32
CA TYR B 4 5.62 -21.37 20.55
C TYR B 4 6.12 -21.79 19.18
N GLU B 5 5.72 -22.97 18.75
CA GLU B 5 6.07 -23.42 17.41
C GLU B 5 5.05 -24.42 16.91
N GLY B 6 5.05 -24.65 15.60
CA GLY B 6 4.18 -25.62 15.01
C GLY B 6 4.94 -26.85 14.55
N LYS B 7 4.42 -28.03 14.92
CA LYS B 7 4.92 -29.27 14.37
C LYS B 7 4.44 -29.43 12.92
N LEU B 8 4.90 -30.51 12.27
CA LEU B 8 4.63 -30.74 10.87
C LEU B 8 3.69 -31.91 10.63
N THR B 9 3.09 -32.46 11.67
CA THR B 9 2.10 -33.53 11.52
C THR B 9 0.77 -32.83 11.27
N ALA B 10 -0.01 -33.30 10.32
CA ALA B 10 -1.20 -32.59 9.90
C ALA B 10 -2.51 -33.29 10.25
N GLU B 11 -2.46 -34.27 11.15
CA GLU B 11 -3.67 -34.97 11.56
C GLU B 11 -4.73 -33.96 12.04
N GLY B 12 -5.92 -34.07 11.51
CA GLY B 12 -7.04 -33.24 11.91
C GLY B 12 -7.11 -31.85 11.32
N LEU B 13 -6.09 -31.45 10.59
CA LEU B 13 -6.04 -30.12 10.05
C LEU B 13 -6.86 -30.03 8.77
N ARG B 14 -7.43 -28.86 8.54
CA ARG B 14 -8.31 -28.63 7.37
C ARG B 14 -7.75 -27.42 6.60
N PHE B 15 -7.51 -27.63 5.30
CA PHE B 15 -6.87 -26.65 4.46
C PHE B 15 -7.73 -26.20 3.28
N GLY B 16 -7.63 -24.93 2.95
CA GLY B 16 -8.18 -24.38 1.74
C GLY B 16 -7.04 -24.10 0.79
N ILE B 17 -7.23 -24.47 -0.47
CA ILE B 17 -6.26 -24.16 -1.51
C ILE B 17 -7.00 -23.35 -2.54
N VAL B 18 -6.43 -22.20 -2.93
CA VAL B 18 -6.96 -21.42 -4.03
C VAL B 18 -5.93 -21.44 -5.13
N ALA B 19 -6.32 -21.97 -6.29
CA ALA B 19 -5.38 -22.15 -7.40
C ALA B 19 -5.91 -21.57 -8.70
N SER B 20 -5.11 -20.71 -9.32
CA SER B 20 -5.50 -20.07 -10.58
C SER B 20 -5.25 -20.99 -11.79
N ARG B 21 -5.93 -20.68 -12.86
CA ARG B 21 -5.83 -21.48 -14.09
C ARG B 21 -4.83 -20.97 -15.11
N PHE B 22 -4.50 -19.69 -15.06
CA PHE B 22 -3.52 -19.13 -15.98
C PHE B 22 -2.22 -19.90 -15.76
N ASN B 23 -1.52 -20.30 -16.83
CA ASN B 23 -0.29 -21.09 -16.66
C ASN B 23 -0.56 -22.44 -15.96
N HIS B 24 -1.72 -23.03 -16.26
CA HIS B 24 -2.15 -24.24 -15.58
C HIS B 24 -1.20 -25.41 -15.71
N ALA B 25 -0.43 -25.49 -16.79
CA ALA B 25 0.47 -26.65 -16.92
C ALA B 25 1.49 -26.64 -15.78
N LEU B 26 1.78 -25.44 -15.25
CA LEU B 26 2.65 -25.30 -14.09
C LEU B 26 1.86 -25.28 -12.79
N VAL B 27 0.74 -24.55 -12.73
CA VAL B 27 -0.05 -24.49 -11.49
C VAL B 27 -0.49 -25.90 -11.10
N ASP B 28 -0.87 -26.71 -12.07
CA ASP B 28 -1.34 -28.04 -11.76
C ASP B 28 -0.29 -28.88 -11.03
N ARG B 29 0.98 -28.67 -11.35
CA ARG B 29 2.07 -29.35 -10.63
C ARG B 29 2.16 -28.81 -9.17
N LEU B 30 1.97 -27.50 -8.99
CA LEU B 30 1.95 -26.92 -7.64
C LEU B 30 0.82 -27.49 -6.79
N VAL B 31 -0.34 -27.68 -7.40
CA VAL B 31 -1.48 -28.25 -6.71
C VAL B 31 -1.20 -29.69 -6.31
N GLU B 32 -0.59 -30.45 -7.23
CA GLU B 32 -0.21 -31.82 -6.91
C GLU B 32 0.72 -31.83 -5.69
N GLY B 33 1.68 -30.92 -5.67
CA GLY B 33 2.63 -30.85 -4.57
C GLY B 33 1.98 -30.51 -3.25
N ALA B 34 1.07 -29.55 -3.28
CA ALA B 34 0.40 -29.14 -2.04
C ALA B 34 -0.42 -30.28 -1.46
N ILE B 35 -1.17 -30.94 -2.30
CA ILE B 35 -2.02 -32.02 -1.82
C ILE B 35 -1.17 -33.17 -1.28
N ASP B 36 -0.12 -33.54 -2.00
CA ASP B 36 0.77 -34.61 -1.56
C ASP B 36 1.40 -34.25 -0.21
N CYS B 37 1.86 -33.01 -0.04
CA CYS B 37 2.45 -32.60 1.22
C CYS B 37 1.43 -32.76 2.38
N ILE B 38 0.20 -32.32 2.16
CA ILE B 38 -0.82 -32.44 3.21
C ILE B 38 -1.07 -33.90 3.56
N VAL B 39 -1.35 -34.71 2.54
CA VAL B 39 -1.73 -36.10 2.76
C VAL B 39 -0.65 -36.93 3.38
N ARG B 40 0.58 -36.78 2.91
CA ARG B 40 1.66 -37.59 3.50
C ARG B 40 2.17 -37.06 4.84
N HIS B 41 1.76 -35.86 5.23
CA HIS B 41 1.99 -35.38 6.61
C HIS B 41 0.83 -35.75 7.55
N GLY B 42 -0.14 -36.52 7.05
CA GLY B 42 -1.24 -37.01 7.86
C GLY B 42 -2.56 -36.29 7.76
N GLY B 43 -2.66 -35.28 6.90
CA GLY B 43 -3.92 -34.61 6.67
C GLY B 43 -4.80 -35.47 5.78
N ARG B 44 -6.12 -35.39 5.96
CA ARG B 44 -7.00 -36.17 5.12
C ARG B 44 -7.34 -35.38 3.88
N GLU B 45 -7.39 -36.05 2.73
CA GLU B 45 -7.73 -35.37 1.50
C GLU B 45 -9.17 -34.85 1.62
N GLU B 46 -10.01 -35.54 2.37
CA GLU B 46 -11.36 -35.05 2.53
C GLU B 46 -11.46 -33.73 3.23
N ASP B 47 -10.41 -33.36 3.93
CA ASP B 47 -10.38 -32.12 4.70
C ASP B 47 -9.72 -30.97 3.92
N ILE B 48 -9.49 -31.19 2.63
CA ILE B 48 -8.99 -30.14 1.73
C ILE B 48 -10.15 -29.60 0.93
N THR B 49 -10.20 -28.28 0.83
CA THR B 49 -11.15 -27.61 -0.04
C THR B 49 -10.29 -26.88 -1.09
N LEU B 50 -10.52 -27.21 -2.36
CA LEU B 50 -9.85 -26.61 -3.50
C LEU B 50 -10.81 -25.68 -4.23
N VAL B 51 -10.38 -24.43 -4.43
CA VAL B 51 -11.15 -23.44 -5.18
C VAL B 51 -10.31 -23.04 -6.40
N ARG B 52 -10.88 -23.15 -7.59
CA ARG B 52 -10.18 -22.72 -8.81
C ARG B 52 -10.66 -21.32 -9.23
N VAL B 53 -9.73 -20.48 -9.69
CA VAL B 53 -10.06 -19.15 -10.17
C VAL B 53 -9.29 -18.91 -11.50
N PRO B 54 -9.72 -17.93 -12.28
CA PRO B 54 -9.07 -17.69 -13.57
C PRO B 54 -7.59 -17.36 -13.53
N GLY B 55 -7.25 -16.35 -12.76
CA GLY B 55 -5.88 -15.89 -12.72
C GLY B 55 -5.42 -15.48 -11.34
N SER B 56 -4.13 -15.16 -11.22
CA SER B 56 -3.60 -14.74 -9.94
C SER B 56 -4.38 -13.56 -9.37
N TRP B 57 -4.83 -12.66 -10.22
CA TRP B 57 -5.59 -11.50 -9.79
C TRP B 57 -6.80 -11.87 -8.90
N GLU B 58 -7.44 -12.98 -9.27
CA GLU B 58 -8.65 -13.46 -8.63
C GLU B 58 -8.40 -14.30 -7.37
N ILE B 59 -7.16 -14.65 -7.11
CA ILE B 59 -6.89 -15.48 -5.93
C ILE B 59 -7.33 -14.83 -4.61
N PRO B 60 -7.00 -13.56 -4.37
CA PRO B 60 -7.35 -12.97 -3.08
C PRO B 60 -8.82 -13.01 -2.72
N VAL B 61 -9.70 -12.60 -3.61
CA VAL B 61 -11.11 -12.54 -3.27
C VAL B 61 -11.64 -13.93 -2.93
N ALA B 62 -11.15 -14.95 -3.63
CA ALA B 62 -11.56 -16.33 -3.30
C ALA B 62 -10.95 -16.79 -1.98
N ALA B 63 -9.70 -16.42 -1.75
CA ALA B 63 -9.02 -16.78 -0.52
C ALA B 63 -9.70 -16.16 0.68
N GLY B 64 -10.23 -14.95 0.51
CA GLY B 64 -10.96 -14.25 1.56
C GLY B 64 -12.19 -15.03 1.98
N GLU B 65 -12.89 -15.63 1.02
CA GLU B 65 -14.09 -16.44 1.36
C GLU B 65 -13.68 -17.71 2.10
N LEU B 66 -12.62 -18.38 1.67
CA LEU B 66 -12.17 -19.59 2.36
C LEU B 66 -11.63 -19.32 3.73
N ALA B 67 -10.84 -18.27 3.86
CA ALA B 67 -10.25 -17.97 5.15
C ALA B 67 -11.30 -17.59 6.20
N ARG B 68 -12.45 -17.12 5.74
CA ARG B 68 -13.52 -16.74 6.65
C ARG B 68 -14.27 -17.94 7.22
N LYS B 69 -14.05 -19.12 6.65
CA LYS B 69 -14.73 -20.33 7.11
C LYS B 69 -14.14 -20.80 8.43
N GLU B 70 -14.97 -21.04 9.41
CA GLU B 70 -14.47 -21.45 10.72
C GLU B 70 -13.81 -22.83 10.70
N ASP B 71 -14.19 -23.65 9.74
CA ASP B 71 -13.65 -25.01 9.62
C ASP B 71 -12.48 -25.11 8.63
N ILE B 72 -11.86 -23.98 8.33
CA ILE B 72 -10.63 -23.97 7.53
C ILE B 72 -9.53 -23.42 8.42
N ASP B 73 -8.46 -24.19 8.66
CA ASP B 73 -7.42 -23.76 9.56
C ASP B 73 -6.35 -22.87 8.94
N ALA B 74 -6.14 -23.01 7.63
CA ALA B 74 -5.17 -22.21 6.90
C ALA B 74 -5.51 -22.31 5.42
N VAL B 75 -5.12 -21.27 4.69
CA VAL B 75 -5.33 -21.22 3.26
C VAL B 75 -3.97 -21.12 2.55
N ILE B 76 -3.85 -21.88 1.47
CA ILE B 76 -2.65 -21.94 0.66
C ILE B 76 -3.00 -21.34 -0.71
N ALA B 77 -2.29 -20.28 -1.10
CA ALA B 77 -2.53 -19.58 -2.36
C ALA B 77 -1.54 -20.07 -3.38
N ILE B 78 -2.04 -20.53 -4.52
CA ILE B 78 -1.22 -21.15 -5.54
C ILE B 78 -1.49 -20.54 -6.90
N GLY B 79 -0.46 -20.02 -7.52
CA GLY B 79 -0.58 -19.45 -8.88
C GLY B 79 0.79 -19.29 -9.52
N VAL B 80 0.82 -18.98 -10.81
CA VAL B 80 2.07 -18.78 -11.52
C VAL B 80 2.00 -17.54 -12.39
N LEU B 81 2.79 -16.55 -12.00
CA LEU B 81 2.97 -15.31 -12.74
C LEU B 81 4.31 -15.37 -13.43
N ILE B 82 4.31 -15.04 -14.72
CA ILE B 82 5.53 -14.98 -15.51
C ILE B 82 5.51 -13.65 -16.23
N ARG B 83 6.61 -12.92 -16.12
CA ARG B 83 6.69 -11.59 -16.69
C ARG B 83 6.55 -11.63 -18.19
N GLY B 84 5.69 -10.75 -18.70
CA GLY B 84 5.53 -10.56 -20.12
C GLY B 84 6.29 -9.33 -20.60
N ALA B 85 5.87 -8.79 -21.72
CA ALA B 85 6.55 -7.64 -22.31
C ALA B 85 6.24 -6.33 -21.59
N THR B 86 5.05 -6.26 -20.97
CA THR B 86 4.62 -5.03 -20.30
C THR B 86 4.70 -5.16 -18.78
N PRO B 87 4.51 -4.06 -18.06
CA PRO B 87 4.48 -4.13 -16.59
C PRO B 87 3.23 -4.76 -16.00
N HIS B 88 2.36 -5.33 -16.82
CA HIS B 88 1.16 -5.99 -16.31
C HIS B 88 1.47 -6.95 -15.12
N PHE B 89 2.49 -7.78 -15.31
CA PHE B 89 2.97 -8.70 -14.26
C PHE B 89 3.20 -8.03 -12.92
N ASP B 90 3.86 -6.88 -12.94
CA ASP B 90 4.19 -6.18 -11.71
C ASP B 90 2.93 -5.80 -10.93
N TYR B 91 1.94 -5.26 -11.65
CA TYR B 91 0.73 -4.77 -10.97
C TYR B 91 -0.07 -5.95 -10.42
N ILE B 92 -0.14 -7.05 -11.15
CA ILE B 92 -0.86 -8.23 -10.65
C ILE B 92 -0.11 -8.85 -9.46
N ALA B 93 1.20 -9.02 -9.58
CA ALA B 93 1.98 -9.63 -8.53
C ALA B 93 1.90 -8.80 -7.26
N SER B 94 1.97 -7.48 -7.42
CA SER B 94 1.88 -6.59 -6.28
C SER B 94 0.56 -6.74 -5.55
N GLU B 95 -0.52 -6.74 -6.31
CA GLU B 95 -1.81 -6.81 -5.66
C GLU B 95 -2.17 -8.19 -5.14
N VAL B 96 -1.72 -9.25 -5.76
CA VAL B 96 -2.05 -10.58 -5.23
C VAL B 96 -1.30 -10.77 -3.92
N SER B 97 -0.04 -10.36 -3.89
CA SER B 97 0.72 -10.48 -2.65
C SER B 97 0.15 -9.58 -1.55
N LYS B 98 -0.15 -8.33 -1.88
CA LYS B 98 -0.69 -7.43 -0.88
C LYS B 98 -2.02 -7.94 -0.33
N GLY B 99 -2.88 -8.42 -1.22
CA GLY B 99 -4.20 -8.90 -0.83
C GLY B 99 -4.17 -10.06 0.13
N LEU B 100 -3.36 -11.05 -0.21
CA LEU B 100 -3.24 -12.21 0.63
C LEU B 100 -2.69 -11.85 1.97
N ALA B 101 -1.66 -11.02 1.99
CA ALA B 101 -1.02 -10.64 3.26
C ALA B 101 -2.00 -9.88 4.12
N ASN B 102 -2.73 -8.95 3.51
CA ASN B 102 -3.72 -8.15 4.23
C ASN B 102 -4.85 -9.02 4.80
N LEU B 103 -5.33 -9.96 4.01
CA LEU B 103 -6.40 -10.85 4.47
C LEU B 103 -5.96 -11.68 5.66
N SER B 104 -4.73 -12.13 5.61
CA SER B 104 -4.22 -12.97 6.70
C SER B 104 -4.27 -12.18 8.02
N LEU B 105 -3.88 -10.91 7.97
CA LEU B 105 -3.88 -10.07 9.14
C LEU B 105 -5.29 -9.72 9.58
N GLU B 106 -6.14 -9.37 8.61
CA GLU B 106 -7.51 -8.99 8.92
C GLU B 106 -8.26 -10.13 9.57
N LEU B 107 -8.07 -11.32 9.04
CA LEU B 107 -8.80 -12.49 9.51
C LEU B 107 -8.07 -13.29 10.59
N ARG B 108 -6.87 -12.85 10.95
CA ARG B 108 -6.01 -13.53 11.95
C ARG B 108 -5.93 -15.02 11.71
N LYS B 109 -5.59 -15.37 10.48
CA LYS B 109 -5.53 -16.76 10.04
C LYS B 109 -4.41 -16.91 9.03
N PRO B 110 -3.63 -17.96 9.11
CA PRO B 110 -2.51 -18.11 8.16
C PRO B 110 -2.98 -18.31 6.74
N ILE B 111 -2.37 -17.55 5.85
CA ILE B 111 -2.57 -17.70 4.43
C ILE B 111 -1.15 -17.73 3.85
N THR B 112 -0.78 -18.84 3.23
CA THR B 112 0.59 -19.02 2.79
C THR B 112 0.72 -18.74 1.30
N PHE B 113 1.95 -18.49 0.89
CA PHE B 113 2.25 -17.91 -0.42
C PHE B 113 2.98 -18.90 -1.34
N GLY B 114 2.18 -19.59 -2.15
CA GLY B 114 2.70 -20.52 -3.12
C GLY B 114 2.51 -19.99 -4.53
N VAL B 115 2.65 -18.68 -4.68
CA VAL B 115 2.53 -18.02 -5.99
C VAL B 115 3.94 -17.77 -6.53
N ILE B 116 4.25 -18.39 -7.68
CA ILE B 116 5.49 -18.16 -8.36
C ILE B 116 5.40 -16.78 -9.04
N THR B 117 6.46 -16.00 -8.92
CA THR B 117 6.55 -14.70 -9.57
C THR B 117 7.87 -14.71 -10.31
N ALA B 118 7.84 -15.23 -11.52
CA ALA B 118 9.04 -15.46 -12.31
C ALA B 118 9.26 -14.45 -13.42
N ASP B 119 10.54 -14.15 -13.69
CA ASP B 119 10.88 -13.34 -14.84
C ASP B 119 10.78 -14.14 -16.14
N THR B 120 11.06 -15.45 -16.06
CA THR B 120 11.05 -16.30 -17.24
C THR B 120 10.29 -17.60 -17.06
N LEU B 121 9.92 -18.18 -18.19
CA LEU B 121 9.24 -19.47 -18.17
C LEU B 121 10.16 -20.53 -17.55
N GLU B 122 11.45 -20.49 -17.89
CA GLU B 122 12.38 -21.46 -17.31
C GLU B 122 12.36 -21.38 -15.78
N GLN B 123 12.36 -20.18 -15.23
CA GLN B 123 12.31 -20.01 -13.78
C GLN B 123 11.04 -20.58 -13.18
N ALA B 124 9.92 -20.42 -13.89
CA ALA B 124 8.67 -21.00 -13.38
C ALA B 124 8.72 -22.51 -13.38
N ILE B 125 9.26 -23.10 -14.44
CA ILE B 125 9.38 -24.53 -14.52
C ILE B 125 10.26 -25.06 -13.39
N GLU B 126 11.37 -24.37 -13.14
CA GLU B 126 12.30 -24.76 -12.07
C GLU B 126 11.58 -24.90 -10.73
N ARG B 127 10.61 -24.02 -10.49
CA ARG B 127 9.93 -23.95 -9.20
C ARG B 127 8.60 -24.69 -9.11
N ALA B 128 8.23 -25.37 -10.19
CA ALA B 128 6.99 -26.11 -10.28
C ALA B 128 7.23 -27.61 -10.41
N GLY B 129 8.07 -28.12 -9.53
CA GLY B 129 8.36 -29.54 -9.48
C GLY B 129 9.60 -30.00 -10.22
N THR B 130 10.54 -29.08 -10.46
CA THR B 130 11.80 -29.50 -11.03
C THR B 130 12.97 -29.04 -10.17
N LYS B 131 13.97 -28.43 -10.79
CA LYS B 131 15.22 -28.28 -10.05
C LYS B 131 15.23 -27.43 -8.80
N HIS B 132 14.29 -26.52 -8.68
CA HIS B 132 14.21 -25.66 -7.49
C HIS B 132 12.98 -26.06 -6.65
N GLY B 133 12.56 -27.31 -6.73
CA GLY B 133 11.48 -27.80 -5.89
C GLY B 133 10.10 -27.50 -6.42
N ASN B 134 9.15 -27.47 -5.48
CA ASN B 134 7.73 -27.29 -5.82
C ASN B 134 7.15 -26.30 -4.82
N LYS B 135 6.82 -25.12 -5.30
CA LYS B 135 6.37 -24.05 -4.42
C LYS B 135 5.03 -24.36 -3.76
N GLY B 136 4.22 -25.22 -4.36
CA GLY B 136 2.97 -25.67 -3.76
C GLY B 136 3.23 -26.54 -2.55
N TRP B 137 4.17 -27.46 -2.67
CA TRP B 137 4.59 -28.28 -1.55
C TRP B 137 5.10 -27.39 -0.40
N GLU B 138 5.94 -26.42 -0.74
CA GLU B 138 6.51 -25.53 0.27
C GLU B 138 5.41 -24.70 1.00
N ALA B 139 4.48 -24.12 0.22
CA ALA B 139 3.42 -23.33 0.82
C ALA B 139 2.49 -24.21 1.68
N ALA B 140 2.30 -25.46 1.27
CA ALA B 140 1.49 -26.38 2.05
C ALA B 140 2.18 -26.71 3.39
N LEU B 141 3.47 -26.98 3.34
CA LEU B 141 4.23 -27.31 4.54
C LEU B 141 4.15 -26.13 5.50
N SER B 142 4.29 -24.93 4.97
CA SER B 142 4.18 -23.73 5.79
C SER B 142 2.80 -23.64 6.44
N ALA B 143 1.77 -23.98 5.70
CA ALA B 143 0.43 -23.90 6.21
C ALA B 143 0.19 -24.92 7.32
N ILE B 144 0.75 -26.10 7.17
CA ILE B 144 0.68 -27.13 8.22
C ILE B 144 1.29 -26.58 9.51
N GLU B 145 2.49 -26.04 9.40
CA GLU B 145 3.19 -25.51 10.54
C GLU B 145 2.40 -24.38 11.20
N MET B 146 1.90 -23.45 10.38
CA MET B 146 1.17 -22.31 10.91
C MET B 146 -0.15 -22.69 11.56
N ALA B 147 -0.88 -23.65 10.98
CA ALA B 147 -2.11 -24.10 11.57
C ALA B 147 -1.83 -24.73 12.94
N ASN B 148 -0.79 -25.56 13.03
CA ASN B 148 -0.43 -26.15 14.31
C ASN B 148 0.01 -25.07 15.31
N LEU B 149 0.79 -24.09 14.85
CA LEU B 149 1.21 -23.02 15.71
C LEU B 149 -0.01 -22.31 16.28
N PHE B 150 -0.96 -22.02 15.39
CA PHE B 150 -2.13 -21.24 15.79
C PHE B 150 -3.03 -21.99 16.79
N LYS B 151 -2.95 -23.30 16.82
CA LYS B 151 -3.72 -24.04 17.82
C LYS B 151 -3.35 -23.56 19.25
N SER B 152 -2.13 -23.10 19.46
CA SER B 152 -1.78 -22.53 20.79
C SER B 152 -1.66 -21.00 20.80
N LEU B 153 -1.28 -20.44 19.68
CA LEU B 153 -1.03 -19.00 19.63
C LEU B 153 -2.29 -18.13 19.48
N ARG B 154 -3.28 -18.59 18.71
CA ARG B 154 -4.48 -17.82 18.38
C ARG B 154 -5.50 -17.83 19.51
N MET C 1 -12.34 -34.66 -1.39
CA MET C 1 -11.90 -33.24 -1.41
C MET C 1 -13.07 -32.40 -1.89
N GLN C 2 -13.36 -31.28 -1.24
CA GLN C 2 -14.37 -30.36 -1.76
C GLN C 2 -13.75 -29.49 -2.86
N ILE C 3 -14.41 -29.42 -4.01
CA ILE C 3 -13.88 -28.64 -5.11
C ILE C 3 -14.91 -27.62 -5.56
N TYR C 4 -14.52 -26.36 -5.58
CA TYR C 4 -15.38 -25.30 -6.04
C TYR C 4 -14.79 -24.71 -7.31
N GLU C 5 -15.63 -24.52 -8.32
CA GLU C 5 -15.19 -23.87 -9.52
C GLU C 5 -16.37 -23.20 -10.19
N GLY C 6 -16.05 -22.29 -11.12
CA GLY C 6 -17.09 -21.64 -11.90
C GLY C 6 -17.11 -22.11 -13.33
N LYS C 7 -18.30 -22.39 -13.85
CA LYS C 7 -18.48 -22.69 -15.26
C LYS C 7 -18.44 -21.39 -16.06
N LEU C 8 -18.52 -21.50 -17.39
CA LEU C 8 -18.38 -20.35 -18.25
C LEU C 8 -19.67 -19.99 -18.98
N THR C 9 -20.80 -20.59 -18.58
CA THR C 9 -22.09 -20.20 -19.15
C THR C 9 -22.58 -19.04 -18.31
N ALA C 10 -23.12 -18.02 -18.96
CA ALA C 10 -23.44 -16.77 -18.25
C ALA C 10 -24.92 -16.49 -18.13
N GLU C 11 -25.74 -17.50 -18.37
CA GLU C 11 -27.19 -17.32 -18.26
C GLU C 11 -27.55 -16.75 -16.88
N GLY C 12 -28.33 -15.69 -16.87
CA GLY C 12 -28.77 -15.06 -15.63
C GLY C 12 -27.80 -14.13 -14.92
N LEU C 13 -26.57 -14.06 -15.40
CA LEU C 13 -25.56 -13.26 -14.72
C LEU C 13 -25.68 -11.81 -15.13
N ARG C 14 -25.34 -10.93 -14.19
CA ARG C 14 -25.46 -9.48 -14.37
C ARG C 14 -24.09 -8.85 -14.12
N PHE C 15 -23.62 -8.05 -15.08
CA PHE C 15 -22.28 -7.50 -15.02
C PHE C 15 -22.25 -6.00 -15.06
N GLY C 16 -21.29 -5.44 -14.30
CA GLY C 16 -20.96 -4.04 -14.44
C GLY C 16 -19.64 -3.92 -15.16
N ILE C 17 -19.57 -2.97 -16.08
CA ILE C 17 -18.34 -2.66 -16.79
C ILE C 17 -18.04 -1.20 -16.54
N VAL C 18 -16.83 -0.88 -16.08
CA VAL C 18 -16.38 0.50 -15.94
C VAL C 18 -15.27 0.69 -16.97
N ALA C 19 -15.46 1.64 -17.87
CA ALA C 19 -14.53 1.84 -18.97
C ALA C 19 -14.13 3.30 -19.10
N SER C 20 -12.82 3.56 -19.09
CA SER C 20 -12.32 4.90 -19.21
C SER C 20 -12.25 5.39 -20.64
N ARG C 21 -12.20 6.70 -20.81
CA ARG C 21 -12.21 7.30 -22.15
C ARG C 21 -10.83 7.64 -22.69
N PHE C 22 -9.85 7.79 -21.81
CA PHE C 22 -8.48 8.08 -22.26
C PHE C 22 -8.06 6.90 -23.14
N ASN C 23 -7.41 7.15 -24.27
CA ASN C 23 -7.07 6.08 -25.20
C ASN C 23 -8.29 5.30 -25.70
N HIS C 24 -9.37 6.03 -25.94
CA HIS C 24 -10.64 5.37 -26.31
C HIS C 24 -10.59 4.55 -27.58
N ALA C 25 -9.73 4.89 -28.53
CA ALA C 25 -9.70 4.13 -29.75
C ALA C 25 -9.32 2.68 -29.45
N LEU C 26 -8.58 2.47 -28.35
CA LEU C 26 -8.23 1.13 -27.87
C LEU C 26 -9.25 0.63 -26.83
N VAL C 27 -9.62 1.46 -25.85
CA VAL C 27 -10.61 1.04 -24.86
C VAL C 27 -11.89 0.55 -25.54
N ASP C 28 -12.32 1.25 -26.57
CA ASP C 28 -13.58 0.87 -27.22
C ASP C 28 -13.53 -0.55 -27.78
N ARG C 29 -12.35 -0.99 -28.24
CA ARG C 29 -12.19 -2.37 -28.70
C ARG C 29 -12.31 -3.35 -27.50
N LEU C 30 -11.72 -2.99 -26.36
CA LEU C 30 -11.84 -3.80 -25.14
C LEU C 30 -13.31 -3.96 -24.70
N VAL C 31 -14.06 -2.88 -24.78
CA VAL C 31 -15.48 -2.89 -24.42
C VAL C 31 -16.26 -3.80 -25.36
N GLU C 32 -16.00 -3.68 -26.66
CA GLU C 32 -16.60 -4.59 -27.62
C GLU C 32 -16.33 -6.04 -27.27
N GLY C 33 -15.09 -6.34 -26.90
CA GLY C 33 -14.72 -7.70 -26.53
C GLY C 33 -15.42 -8.19 -25.29
N ALA C 34 -15.53 -7.33 -24.29
CA ALA C 34 -16.17 -7.74 -23.03
C ALA C 34 -17.64 -8.06 -23.28
N ILE C 35 -18.31 -7.19 -24.03
CA ILE C 35 -19.74 -7.39 -24.30
C ILE C 35 -19.98 -8.63 -25.11
N ASP C 36 -19.18 -8.85 -26.15
CA ASP C 36 -19.30 -10.03 -26.99
C ASP C 36 -19.10 -11.30 -26.15
N CYS C 37 -18.09 -11.30 -25.30
CA CYS C 37 -17.83 -12.45 -24.46
C CYS C 37 -19.04 -12.77 -23.61
N ILE C 38 -19.59 -11.75 -22.98
CA ILE C 38 -20.75 -11.96 -22.13
C ILE C 38 -21.94 -12.52 -22.93
N VAL C 39 -22.28 -11.85 -24.02
CA VAL C 39 -23.45 -12.21 -24.80
C VAL C 39 -23.34 -13.60 -25.40
N ARG C 40 -22.20 -13.92 -25.98
CA ARG C 40 -22.10 -15.23 -26.64
C ARG C 40 -21.88 -16.38 -25.65
N HIS C 41 -21.59 -16.08 -24.39
CA HIS C 41 -21.60 -17.07 -23.30
C HIS C 41 -23.00 -17.23 -22.63
N GLY C 42 -23.98 -16.50 -23.15
CA GLY C 42 -25.36 -16.62 -22.68
C GLY C 42 -25.90 -15.51 -21.79
N GLY C 43 -25.07 -14.52 -21.49
CA GLY C 43 -25.52 -13.39 -20.72
C GLY C 43 -26.35 -12.48 -21.59
N ARG C 44 -27.33 -11.80 -21.00
CA ARG C 44 -28.14 -10.87 -21.78
C ARG C 44 -27.51 -9.49 -21.80
N GLU C 45 -27.52 -8.83 -22.94
CA GLU C 45 -26.96 -7.49 -23.01
C GLU C 45 -27.69 -6.55 -22.08
N GLU C 46 -28.99 -6.80 -21.86
CA GLU C 46 -29.75 -5.93 -20.96
C GLU C 46 -29.26 -5.99 -19.53
N ASP C 47 -28.53 -7.05 -19.20
CA ASP C 47 -28.07 -7.28 -17.85
C ASP C 47 -26.64 -6.80 -17.64
N ILE C 48 -26.17 -6.02 -18.61
CA ILE C 48 -24.88 -5.31 -18.48
C ILE C 48 -25.15 -3.87 -18.13
N THR C 49 -24.40 -3.34 -17.16
CA THR C 49 -24.42 -1.92 -16.87
C THR C 49 -23.03 -1.40 -17.22
N LEU C 50 -22.96 -0.43 -18.13
CA LEU C 50 -21.70 0.19 -18.55
C LEU C 50 -21.63 1.58 -17.95
N VAL C 51 -20.51 1.85 -17.28
CA VAL C 51 -20.24 3.17 -16.71
C VAL C 51 -18.98 3.72 -17.38
N ARG C 52 -19.06 4.93 -17.93
CA ARG C 52 -17.92 5.55 -18.57
C ARG C 52 -17.29 6.57 -17.61
N VAL C 53 -15.97 6.65 -17.56
CA VAL C 53 -15.26 7.61 -16.72
C VAL C 53 -14.09 8.22 -17.55
N PRO C 54 -13.58 9.35 -17.15
CA PRO C 54 -12.53 10.02 -17.92
C PRO C 54 -11.26 9.22 -18.14
N GLY C 55 -10.67 8.74 -17.06
CA GLY C 55 -9.40 8.04 -17.18
C GLY C 55 -9.28 6.86 -16.22
N SER C 56 -8.17 6.13 -16.33
CA SER C 56 -7.99 4.98 -15.46
C SER C 56 -8.06 5.36 -14.00
N TRP C 57 -7.59 6.57 -13.66
CA TRP C 57 -7.61 7.05 -12.30
C TRP C 57 -9.00 6.99 -11.68
N GLU C 58 -9.99 7.26 -12.51
CA GLU C 58 -11.37 7.38 -12.06
C GLU C 58 -12.11 6.04 -12.07
N ILE C 59 -11.49 5.00 -12.60
CA ILE C 59 -12.19 3.69 -12.62
C ILE C 59 -12.56 3.17 -11.23
N PRO C 60 -11.65 3.18 -10.26
CA PRO C 60 -12.01 2.61 -8.94
C PRO C 60 -13.21 3.20 -8.26
N VAL C 61 -13.32 4.53 -8.18
CA VAL C 61 -14.46 5.10 -7.47
C VAL C 61 -15.78 4.73 -8.14
N ALA C 62 -15.81 4.68 -9.48
CA ALA C 62 -17.01 4.22 -10.17
C ALA C 62 -17.27 2.73 -9.96
N ALA C 63 -16.21 1.92 -9.99
CA ALA C 63 -16.35 0.48 -9.77
C ALA C 63 -16.88 0.19 -8.37
N GLY C 64 -16.48 1.00 -7.40
CA GLY C 64 -16.96 0.88 -6.03
C GLY C 64 -18.48 1.05 -5.96
N GLU C 65 -19.02 1.99 -6.73
CA GLU C 65 -20.46 2.20 -6.73
C GLU C 65 -21.17 1.02 -7.40
N LEU C 66 -20.63 0.52 -8.49
CA LEU C 66 -21.25 -0.62 -9.17
C LEU C 66 -21.17 -1.89 -8.37
N ALA C 67 -20.01 -2.15 -7.75
CA ALA C 67 -19.85 -3.37 -7.00
C ALA C 67 -20.74 -3.42 -5.78
N ARG C 68 -21.15 -2.27 -5.30
CA ARG C 68 -22.02 -2.21 -4.15
C ARG C 68 -23.48 -2.56 -4.48
N LYS C 69 -23.82 -2.59 -5.76
CA LYS C 69 -25.20 -2.94 -6.18
C LYS C 69 -25.49 -4.41 -5.97
N GLU C 70 -26.55 -4.70 -5.28
CA GLU C 70 -26.88 -6.11 -5.02
C GLU C 70 -27.21 -6.92 -6.29
N ASP C 71 -27.65 -6.23 -7.32
CA ASP C 71 -28.00 -6.87 -8.59
C ASP C 71 -26.85 -6.86 -9.62
N ILE C 72 -25.63 -6.62 -9.13
CA ILE C 72 -24.45 -6.76 -9.98
C ILE C 72 -23.61 -7.93 -9.43
N ASP C 73 -23.38 -8.94 -10.26
CA ASP C 73 -22.68 -10.13 -9.78
C ASP C 73 -21.17 -10.01 -9.81
N ALA C 74 -20.66 -9.23 -10.76
CA ALA C 74 -19.22 -8.99 -10.89
C ALA C 74 -19.02 -7.71 -11.69
N VAL C 75 -17.87 -7.08 -11.45
CA VAL C 75 -17.49 -5.86 -12.17
C VAL C 75 -16.21 -6.12 -12.96
N ILE C 76 -16.21 -5.61 -14.18
CA ILE C 76 -15.09 -5.73 -15.10
C ILE C 76 -14.52 -4.34 -15.30
N ALA C 77 -13.24 -4.15 -14.97
CA ALA C 77 -12.60 -2.83 -15.11
C ALA C 77 -11.81 -2.80 -16.41
N ILE C 78 -12.08 -1.79 -17.24
CA ILE C 78 -11.50 -1.67 -18.56
C ILE C 78 -10.88 -0.30 -18.78
N GLY C 79 -9.59 -0.28 -19.10
CA GLY C 79 -8.90 0.95 -19.40
C GLY C 79 -7.59 0.67 -20.12
N VAL C 80 -6.95 1.72 -20.63
CA VAL C 80 -5.67 1.57 -21.32
C VAL C 80 -4.69 2.64 -20.86
N LEU C 81 -3.66 2.19 -20.16
CA LEU C 81 -2.55 3.01 -19.72
C LEU C 81 -1.36 2.72 -20.61
N ILE C 82 -0.75 3.78 -21.12
CA ILE C 82 0.44 3.70 -21.93
C ILE C 82 1.46 4.65 -21.34
N ARG C 83 2.65 4.13 -21.11
CA ARG C 83 3.69 4.92 -20.46
C ARG C 83 4.06 6.10 -21.31
N GLY C 84 4.14 7.25 -20.66
CA GLY C 84 4.58 8.49 -21.27
C GLY C 84 6.03 8.77 -20.86
N ALA C 85 6.44 10.03 -21.01
CA ALA C 85 7.82 10.42 -20.70
C ALA C 85 8.11 10.46 -19.21
N THR C 86 7.07 10.69 -18.39
CA THR C 86 7.26 10.86 -16.94
C THR C 86 6.72 9.64 -16.20
N PRO C 87 6.99 9.55 -14.90
CA PRO C 87 6.43 8.44 -14.11
C PRO C 87 4.95 8.55 -13.82
N HIS C 88 4.25 9.51 -14.42
CA HIS C 88 2.80 9.63 -14.20
C HIS C 88 2.09 8.26 -14.35
N PHE C 89 2.41 7.55 -15.42
CA PHE C 89 1.85 6.20 -15.67
C PHE C 89 1.97 5.28 -14.47
N ASP C 90 3.15 5.27 -13.85
CA ASP C 90 3.39 4.38 -12.73
C ASP C 90 2.42 4.63 -11.59
N TYR C 91 2.24 5.91 -11.26
CA TYR C 91 1.42 6.28 -10.10
C TYR C 91 -0.05 5.99 -10.38
N ILE C 92 -0.50 6.23 -11.60
CA ILE C 92 -1.91 5.92 -11.95
C ILE C 92 -2.13 4.39 -11.99
N ALA C 93 -1.21 3.66 -12.63
CA ALA C 93 -1.35 2.22 -12.72
C ALA C 93 -1.34 1.58 -11.34
N SER C 94 -0.46 2.06 -10.48
CA SER C 94 -0.38 1.51 -9.12
C SER C 94 -1.68 1.71 -8.38
N GLU C 95 -2.22 2.91 -8.45
CA GLU C 95 -3.45 3.16 -7.71
C GLU C 95 -4.69 2.54 -8.28
N VAL C 96 -4.79 2.42 -9.60
CA VAL C 96 -5.97 1.80 -10.18
C VAL C 96 -5.99 0.34 -9.83
N SER C 97 -4.83 -0.30 -9.94
CA SER C 97 -4.73 -1.71 -9.58
C SER C 97 -5.00 -1.91 -8.08
N LYS C 98 -4.41 -1.08 -7.22
CA LYS C 98 -4.60 -1.23 -5.79
C LYS C 98 -6.08 -1.05 -5.42
N GLY C 99 -6.68 -0.02 -6.00
CA GLY C 99 -8.06 0.32 -5.71
C GLY C 99 -9.05 -0.77 -6.03
N LEU C 100 -8.93 -1.29 -7.24
CA LEU C 100 -9.81 -2.34 -7.67
C LEU C 100 -9.63 -3.57 -6.79
N ALA C 101 -8.38 -3.94 -6.52
CA ALA C 101 -8.13 -5.15 -5.73
C ALA C 101 -8.70 -4.99 -4.31
N ASN C 102 -8.48 -3.82 -3.72
CA ASN C 102 -8.97 -3.51 -2.38
C ASN C 102 -10.51 -3.54 -2.33
N LEU C 103 -11.16 -2.97 -3.34
CA LEU C 103 -12.61 -2.95 -3.39
C LEU C 103 -13.18 -4.36 -3.46
N SER C 104 -12.54 -5.20 -4.24
CA SER C 104 -13.00 -6.56 -4.39
C SER C 104 -12.99 -7.26 -3.04
N LEU C 105 -11.94 -7.06 -2.27
CA LEU C 105 -11.84 -7.68 -0.96
C LEU C 105 -12.83 -7.05 0.02
N GLU C 106 -12.93 -5.74 0.01
CA GLU C 106 -13.83 -5.04 0.93
C GLU C 106 -15.29 -5.45 0.70
N LEU C 107 -15.68 -5.51 -0.55
CA LEU C 107 -17.05 -5.82 -0.91
C LEU C 107 -17.34 -7.29 -1.15
N ARG C 108 -16.30 -8.13 -1.02
CA ARG C 108 -16.41 -9.57 -1.22
C ARG C 108 -17.15 -9.88 -2.51
N LYS C 109 -16.71 -9.27 -3.60
CA LYS C 109 -17.33 -9.43 -4.90
C LYS C 109 -16.25 -9.39 -5.96
N PRO C 110 -16.32 -10.25 -6.95
CA PRO C 110 -15.27 -10.25 -7.98
C PRO C 110 -15.26 -8.98 -8.79
N ILE C 111 -14.07 -8.42 -8.92
CA ILE C 111 -13.81 -7.28 -9.79
C ILE C 111 -12.60 -7.71 -10.62
N THR C 112 -12.77 -7.83 -11.94
CA THR C 112 -11.71 -8.34 -12.80
C THR C 112 -10.96 -7.22 -13.48
N PHE C 113 -9.75 -7.57 -13.94
CA PHE C 113 -8.77 -6.57 -14.36
C PHE C 113 -8.52 -6.61 -15.87
N GLY C 114 -9.25 -5.74 -16.58
CA GLY C 114 -9.10 -5.59 -18.01
C GLY C 114 -8.44 -4.27 -18.36
N VAL C 115 -7.51 -3.85 -17.54
CA VAL C 115 -6.76 -2.62 -17.75
C VAL C 115 -5.39 -2.94 -18.35
N ILE C 116 -5.15 -2.48 -19.56
CA ILE C 116 -3.86 -2.63 -20.19
C ILE C 116 -2.88 -1.65 -19.52
N THR C 117 -1.66 -2.11 -19.23
CA THR C 117 -0.63 -1.26 -18.66
C THR C 117 0.58 -1.49 -19.53
N ALA C 118 0.65 -0.73 -20.61
CA ALA C 118 1.66 -0.93 -21.62
C ALA C 118 2.80 0.07 -21.60
N ASP C 119 3.99 -0.38 -21.98
CA ASP C 119 5.11 0.55 -22.12
C ASP C 119 5.01 1.32 -23.42
N THR C 120 4.42 0.69 -24.44
CA THR C 120 4.32 1.31 -25.76
C THR C 120 2.92 1.22 -26.36
N LEU C 121 2.68 2.10 -27.33
CA LEU C 121 1.44 2.08 -28.06
C LEU C 121 1.27 0.76 -28.78
N GLU C 122 2.35 0.25 -29.39
CA GLU C 122 2.27 -1.03 -30.08
C GLU C 122 1.80 -2.14 -29.16
N GLN C 123 2.32 -2.19 -27.92
CA GLN C 123 1.89 -3.17 -26.96
C GLN C 123 0.40 -3.05 -26.62
N ALA C 124 -0.07 -1.81 -26.54
CA ALA C 124 -1.50 -1.60 -26.27
C ALA C 124 -2.35 -2.12 -27.41
N ILE C 125 -1.94 -1.82 -28.64
CA ILE C 125 -2.68 -2.28 -29.80
C ILE C 125 -2.72 -3.80 -29.84
N GLU C 126 -1.59 -4.43 -29.54
CA GLU C 126 -1.49 -5.89 -29.54
C GLU C 126 -2.53 -6.51 -28.63
N ARG C 127 -2.85 -5.82 -27.52
CA ARG C 127 -3.71 -6.37 -26.50
C ARG C 127 -5.16 -5.90 -26.56
N ALA C 128 -5.47 -5.08 -27.57
CA ALA C 128 -6.81 -4.53 -27.75
C ALA C 128 -7.49 -5.04 -29.02
N GLY C 129 -7.46 -6.35 -29.18
CA GLY C 129 -8.08 -7.00 -30.31
C GLY C 129 -7.19 -7.33 -31.49
N THR C 130 -5.88 -7.38 -31.25
CA THR C 130 -5.00 -7.86 -32.30
C THR C 130 -4.18 -9.06 -31.87
N LYS C 131 -2.86 -9.02 -32.11
CA LYS C 131 -2.13 -10.26 -31.97
C LYS C 131 -2.02 -10.89 -30.61
N HIS C 132 -2.19 -10.15 -29.55
CA HIS C 132 -2.18 -10.70 -28.20
C HIS C 132 -3.60 -10.73 -27.60
N GLY C 133 -4.61 -10.82 -28.45
CA GLY C 133 -5.98 -10.98 -27.99
C GLY C 133 -6.64 -9.67 -27.59
N ASN C 134 -7.64 -9.80 -26.72
CA ASN C 134 -8.43 -8.67 -26.32
C ASN C 134 -8.61 -8.78 -24.82
N LYS C 135 -8.01 -7.85 -24.10
CA LYS C 135 -8.01 -7.91 -22.64
C LYS C 135 -9.39 -7.70 -22.03
N GLY C 136 -10.29 -7.04 -22.77
CA GLY C 136 -11.67 -6.89 -22.34
C GLY C 136 -12.41 -8.22 -22.35
N TRP C 137 -12.21 -8.97 -23.42
CA TRP C 137 -12.77 -10.31 -23.54
C TRP C 137 -12.26 -11.20 -22.41
N GLU C 138 -10.95 -11.15 -22.13
CA GLU C 138 -10.35 -11.95 -21.09
C GLU C 138 -10.90 -11.60 -19.68
N ALA C 139 -11.02 -10.30 -19.39
CA ALA C 139 -11.51 -9.86 -18.10
C ALA C 139 -13.00 -10.23 -17.93
N ALA C 140 -13.74 -10.18 -19.03
CA ALA C 140 -15.13 -10.60 -19.01
C ALA C 140 -15.27 -12.08 -18.72
N LEU C 141 -14.46 -12.89 -19.40
CA LEU C 141 -14.52 -14.34 -19.23
C LEU C 141 -14.19 -14.66 -17.77
N SER C 142 -13.19 -13.97 -17.22
CA SER C 142 -12.88 -14.17 -15.81
C SER C 142 -14.06 -13.82 -14.90
N ALA C 143 -14.76 -12.73 -15.21
CA ALA C 143 -15.88 -12.30 -14.41
C ALA C 143 -17.03 -13.29 -14.46
N ILE C 144 -17.25 -13.90 -15.63
CA ILE C 144 -18.26 -14.95 -15.76
C ILE C 144 -17.93 -16.10 -14.83
N GLU C 145 -16.69 -16.55 -14.89
CA GLU C 145 -16.25 -17.65 -14.07
C GLU C 145 -16.40 -17.33 -12.58
N MET C 146 -15.94 -16.15 -12.18
CA MET C 146 -15.96 -15.75 -10.78
C MET C 146 -17.39 -15.59 -10.26
N ALA C 147 -18.26 -15.01 -11.07
CA ALA C 147 -19.65 -14.87 -10.65
C ALA C 147 -20.28 -16.24 -10.42
N ASN C 148 -20.05 -17.16 -11.36
CA ASN C 148 -20.55 -18.55 -11.19
C ASN C 148 -19.95 -19.19 -9.94
N LEU C 149 -18.65 -19.01 -9.74
CA LEU C 149 -17.98 -19.58 -8.58
C LEU C 149 -18.64 -19.07 -7.29
N PHE C 150 -18.87 -17.76 -7.27
CA PHE C 150 -19.40 -17.12 -6.09
C PHE C 150 -20.85 -17.55 -5.76
N LYS C 151 -21.57 -18.04 -6.75
CA LYS C 151 -22.91 -18.55 -6.46
C LYS C 151 -22.83 -19.68 -5.41
N SER C 152 -21.73 -20.44 -5.36
CA SER C 152 -21.58 -21.45 -4.27
C SER C 152 -20.60 -21.07 -3.16
N LEU C 153 -19.61 -20.28 -3.50
CA LEU C 153 -18.59 -19.94 -2.56
C LEU C 153 -18.96 -18.81 -1.60
N ARG C 154 -19.71 -17.81 -2.08
CA ARG C 154 -20.01 -16.61 -1.27
C ARG C 154 -21.14 -16.84 -0.27
N MET D 1 -29.06 -2.40 -22.51
CA MET D 1 -27.92 -2.21 -21.62
C MET D 1 -28.08 -0.88 -20.84
N GLN D 2 -27.86 -0.90 -19.54
CA GLN D 2 -27.87 0.34 -18.78
C GLN D 2 -26.55 1.08 -18.98
N ILE D 3 -26.60 2.36 -19.35
CA ILE D 3 -25.38 3.13 -19.57
C ILE D 3 -25.40 4.37 -18.72
N TYR D 4 -24.35 4.56 -17.92
CA TYR D 4 -24.18 5.74 -17.12
C TYR D 4 -22.99 6.52 -17.59
N GLU D 5 -23.17 7.84 -17.76
CA GLU D 5 -22.03 8.67 -18.12
C GLU D 5 -22.26 10.08 -17.62
N GLY D 6 -21.20 10.87 -17.59
CA GLY D 6 -21.30 12.25 -17.19
C GLY D 6 -21.14 13.19 -18.37
N LYS D 7 -22.03 14.16 -18.49
CA LYS D 7 -21.84 15.23 -19.44
C LYS D 7 -20.78 16.21 -18.93
N LEU D 8 -20.47 17.22 -19.75
CA LEU D 8 -19.41 18.15 -19.45
C LEU D 8 -19.91 19.56 -19.15
N THR D 9 -21.21 19.73 -18.98
CA THR D 9 -21.75 21.04 -18.59
C THR D 9 -21.71 21.07 -17.08
N ALA D 10 -21.26 22.18 -16.49
CA ALA D 10 -20.99 22.23 -15.06
C ALA D 10 -21.95 23.10 -14.25
N GLU D 11 -23.07 23.45 -14.87
CA GLU D 11 -24.08 24.27 -14.17
C GLU D 11 -24.48 23.60 -12.84
N GLY D 12 -24.42 24.40 -11.79
CA GLY D 12 -24.78 23.93 -10.47
C GLY D 12 -23.76 23.12 -9.70
N LEU D 13 -22.66 22.75 -10.32
CA LEU D 13 -21.68 21.90 -9.67
C LEU D 13 -20.78 22.73 -8.78
N ARG D 14 -20.31 22.10 -7.71
CA ARG D 14 -19.49 22.77 -6.69
C ARG D 14 -18.20 21.97 -6.55
N PHE D 15 -17.07 22.64 -6.69
CA PHE D 15 -15.77 21.99 -6.68
C PHE D 15 -14.84 22.50 -5.59
N GLY D 16 -14.06 21.56 -5.07
CA GLY D 16 -12.96 21.86 -4.20
C GLY D 16 -11.66 21.66 -4.98
N ILE D 17 -10.76 22.60 -4.83
CA ILE D 17 -9.43 22.52 -5.43
C ILE D 17 -8.43 22.60 -4.29
N VAL D 18 -7.50 21.64 -4.21
CA VAL D 18 -6.40 21.71 -3.26
C VAL D 18 -5.16 21.89 -4.08
N ALA D 19 -4.43 22.97 -3.85
CA ALA D 19 -3.24 23.31 -4.62
C ALA D 19 -2.05 23.62 -3.72
N SER D 20 -0.95 22.93 -3.99
CA SER D 20 0.26 23.11 -3.22
C SER D 20 1.08 24.31 -3.71
N ARG D 21 1.95 24.83 -2.83
CA ARG D 21 2.76 26.00 -3.15
C ARG D 21 4.15 25.69 -3.66
N PHE D 22 4.67 24.51 -3.35
CA PHE D 22 5.98 24.13 -3.86
C PHE D 22 5.89 24.16 -5.41
N ASN D 23 6.90 24.71 -6.09
CA ASN D 23 6.84 24.84 -7.55
C ASN D 23 5.67 25.70 -8.00
N HIS D 24 5.36 26.75 -7.21
CA HIS D 24 4.19 27.58 -7.48
C HIS D 24 4.15 28.23 -8.85
N ALA D 25 5.31 28.53 -9.44
CA ALA D 25 5.27 29.18 -10.73
C ALA D 25 4.61 28.27 -11.76
N LEU D 26 4.65 26.97 -11.52
CA LEU D 26 3.95 26.02 -12.37
C LEU D 26 2.57 25.68 -11.81
N VAL D 27 2.48 25.42 -10.50
CA VAL D 27 1.16 25.13 -9.91
C VAL D 27 0.16 26.25 -10.22
N ASP D 28 0.61 27.50 -10.16
CA ASP D 28 -0.31 28.60 -10.38
C ASP D 28 -0.93 28.57 -11.79
N ARG D 29 -0.19 28.04 -12.77
CA ARG D 29 -0.74 27.86 -14.12
C ARG D 29 -1.81 26.75 -14.12
N LEU D 30 -1.55 25.66 -13.40
CA LEU D 30 -2.52 24.59 -13.26
C LEU D 30 -3.84 25.06 -12.63
N VAL D 31 -3.72 25.90 -11.60
CA VAL D 31 -4.89 26.45 -10.92
C VAL D 31 -5.68 27.35 -11.87
N GLU D 32 -4.98 28.20 -12.63
CA GLU D 32 -5.65 29.01 -13.66
C GLU D 32 -6.42 28.11 -14.61
N GLY D 33 -5.81 27.01 -15.04
CA GLY D 33 -6.46 26.10 -15.99
C GLY D 33 -7.70 25.44 -15.40
N ALA D 34 -7.60 24.99 -14.15
CA ALA D 34 -8.74 24.34 -13.52
C ALA D 34 -9.93 25.29 -13.39
N ILE D 35 -9.67 26.51 -12.95
CA ILE D 35 -10.73 27.48 -12.75
C ILE D 35 -11.37 27.84 -14.10
N ASP D 36 -10.56 28.09 -15.13
CA ASP D 36 -11.06 28.43 -16.44
C ASP D 36 -11.92 27.29 -16.97
N CYS D 37 -11.46 26.05 -16.81
CA CYS D 37 -12.26 24.92 -17.29
C CYS D 37 -13.64 24.89 -16.62
N ILE D 38 -13.66 25.08 -15.30
CA ILE D 38 -14.92 25.04 -14.58
C ILE D 38 -15.85 26.18 -15.07
N VAL D 39 -15.32 27.40 -15.09
CA VAL D 39 -16.15 28.57 -15.40
C VAL D 39 -16.68 28.54 -16.82
N ARG D 40 -15.84 28.16 -17.77
CA ARG D 40 -16.30 28.19 -19.16
C ARG D 40 -17.15 26.97 -19.52
N HIS D 41 -17.19 25.96 -18.65
CA HIS D 41 -18.15 24.86 -18.79
C HIS D 41 -19.46 25.14 -18.03
N GLY D 42 -19.57 26.33 -17.47
CA GLY D 42 -20.83 26.75 -16.83
C GLY D 42 -20.88 26.71 -15.32
N GLY D 43 -19.78 26.32 -14.67
CA GLY D 43 -19.71 26.35 -13.23
C GLY D 43 -19.51 27.77 -12.74
N ARG D 44 -20.05 28.10 -11.59
CA ARG D 44 -19.86 29.43 -11.06
C ARG D 44 -18.58 29.48 -10.27
N GLU D 45 -17.82 30.56 -10.44
CA GLU D 45 -16.61 30.73 -9.65
C GLU D 45 -16.94 30.77 -8.16
N GLU D 46 -18.12 31.28 -7.82
CA GLU D 46 -18.49 31.30 -6.39
C GLU D 46 -18.65 29.92 -5.77
N ASP D 47 -18.81 28.92 -6.62
CA ASP D 47 -19.02 27.57 -6.18
C ASP D 47 -17.74 26.77 -6.14
N ILE D 48 -16.60 27.44 -6.30
CA ILE D 48 -15.28 26.84 -6.14
C ILE D 48 -14.72 27.18 -4.79
N THR D 49 -14.15 26.19 -4.10
CA THR D 49 -13.44 26.39 -2.86
C THR D 49 -11.99 25.99 -3.17
N LEU D 50 -11.06 26.92 -2.95
CA LEU D 50 -9.63 26.70 -3.17
C LEU D 50 -8.93 26.66 -1.81
N VAL D 51 -8.16 25.60 -1.61
CA VAL D 51 -7.39 25.41 -0.41
C VAL D 51 -5.94 25.32 -0.80
N ARG D 52 -5.09 26.14 -0.20
CA ARG D 52 -3.65 26.13 -0.47
C ARG D 52 -2.91 25.38 0.64
N VAL D 53 -1.93 24.58 0.26
CA VAL D 53 -1.12 23.84 1.23
C VAL D 53 0.37 23.96 0.80
N PRO D 54 1.29 23.71 1.72
CA PRO D 54 2.71 23.87 1.40
C PRO D 54 3.24 23.06 0.23
N GLY D 55 3.04 21.75 0.29
CA GLY D 55 3.59 20.86 -0.72
C GLY D 55 2.66 19.71 -1.06
N SER D 56 3.05 18.92 -2.05
CA SER D 56 2.22 17.80 -2.48
C SER D 56 1.94 16.89 -1.32
N TRP D 57 2.89 16.74 -0.40
CA TRP D 57 2.70 15.87 0.77
C TRP D 57 1.43 16.19 1.55
N GLU D 58 1.15 17.50 1.62
CA GLU D 58 0.04 18.01 2.41
C GLU D 58 -1.29 18.03 1.66
N ILE D 59 -1.29 17.73 0.37
CA ILE D 59 -2.55 17.74 -0.38
C ILE D 59 -3.61 16.77 0.15
N PRO D 60 -3.25 15.51 0.43
CA PRO D 60 -4.28 14.57 0.87
C PRO D 60 -5.05 14.97 2.10
N VAL D 61 -4.39 15.35 3.18
CA VAL D 61 -5.11 15.68 4.41
C VAL D 61 -6.07 16.84 4.18
N ALA D 62 -5.68 17.82 3.38
CA ALA D 62 -6.61 18.91 3.04
C ALA D 62 -7.75 18.45 2.14
N ALA D 63 -7.43 17.60 1.15
CA ALA D 63 -8.46 17.07 0.25
C ALA D 63 -9.49 16.25 1.04
N GLY D 64 -9.03 15.54 2.07
CA GLY D 64 -9.93 14.77 2.93
C GLY D 64 -10.95 15.67 3.62
N GLU D 65 -10.53 16.85 4.04
CA GLU D 65 -11.47 17.78 4.67
C GLU D 65 -12.47 18.32 3.65
N LEU D 66 -12.00 18.66 2.47
CA LEU D 66 -12.93 19.16 1.45
C LEU D 66 -13.88 18.12 0.93
N ALA D 67 -13.39 16.91 0.70
CA ALA D 67 -14.22 15.87 0.16
C ALA D 67 -15.32 15.47 1.14
N ARG D 68 -15.10 15.72 2.43
CA ARG D 68 -16.10 15.38 3.43
C ARG D 68 -17.26 16.36 3.45
N LYS D 69 -17.10 17.51 2.81
CA LYS D 69 -18.17 18.51 2.80
C LYS D 69 -19.33 18.07 1.90
N GLU D 70 -20.55 18.13 2.42
CA GLU D 70 -21.67 17.66 1.65
C GLU D 70 -21.99 18.52 0.44
N ASP D 71 -21.55 19.77 0.50
CA ASP D 71 -21.77 20.74 -0.58
C ASP D 71 -20.60 20.85 -1.55
N ILE D 72 -19.68 19.87 -1.52
CA ILE D 72 -18.62 19.75 -2.52
C ILE D 72 -18.87 18.50 -3.34
N ASP D 73 -19.04 18.63 -4.65
CA ASP D 73 -19.38 17.48 -5.48
C ASP D 73 -18.18 16.66 -5.94
N ALA D 74 -17.02 17.31 -6.03
CA ALA D 74 -15.79 16.64 -6.43
C ALA D 74 -14.62 17.52 -6.01
N VAL D 75 -13.48 16.87 -5.80
CA VAL D 75 -12.26 17.57 -5.43
C VAL D 75 -11.19 17.34 -6.50
N ILE D 76 -10.48 18.41 -6.82
CA ILE D 76 -9.41 18.38 -7.83
C ILE D 76 -8.10 18.65 -7.08
N ALA D 77 -7.15 17.71 -7.17
CA ALA D 77 -5.86 17.84 -6.51
C ALA D 77 -4.84 18.34 -7.50
N ILE D 78 -4.15 19.42 -7.13
CA ILE D 78 -3.24 20.10 -8.02
C ILE D 78 -1.90 20.33 -7.34
N GLY D 79 -0.84 19.84 -7.95
CA GLY D 79 0.52 20.05 -7.43
C GLY D 79 1.56 19.72 -8.47
N VAL D 80 2.82 20.05 -8.19
CA VAL D 80 3.89 19.75 -9.12
C VAL D 80 5.10 19.17 -8.41
N LEU D 81 5.36 17.91 -8.73
CA LEU D 81 6.50 17.17 -8.23
C LEU D 81 7.49 17.04 -9.37
N ILE D 82 8.74 17.38 -9.06
CA ILE D 82 9.85 17.25 -9.99
C ILE D 82 10.97 16.51 -9.28
N ARG D 83 11.47 15.49 -9.93
CA ARG D 83 12.47 14.64 -9.34
C ARG D 83 13.72 15.44 -9.05
N GLY D 84 14.25 15.26 -7.84
CA GLY D 84 15.51 15.85 -7.43
C GLY D 84 16.60 14.79 -7.48
N ALA D 85 17.69 15.02 -6.75
CA ALA D 85 18.83 14.11 -6.75
C ALA D 85 18.58 12.83 -5.93
N THR D 86 17.69 12.91 -4.95
CA THR D 86 17.41 11.77 -4.08
C THR D 86 16.06 11.14 -4.37
N PRO D 87 15.78 9.99 -3.77
CA PRO D 87 14.44 9.39 -3.95
C PRO D 87 13.31 10.08 -3.21
N HIS D 88 13.55 11.24 -2.61
CA HIS D 88 12.50 11.95 -1.90
C HIS D 88 11.21 12.08 -2.76
N PHE D 89 11.38 12.47 -4.03
CA PHE D 89 10.26 12.53 -4.98
C PHE D 89 9.40 11.28 -5.05
N ASP D 90 10.04 10.13 -5.08
CA ASP D 90 9.33 8.87 -5.18
C ASP D 90 8.41 8.68 -3.99
N TYR D 91 8.92 8.93 -2.79
CA TYR D 91 8.13 8.65 -1.57
C TYR D 91 6.98 9.65 -1.46
N ILE D 92 7.20 10.91 -1.82
CA ILE D 92 6.11 11.88 -1.79
C ILE D 92 5.05 11.55 -2.88
N ALA D 93 5.51 11.28 -4.12
CA ALA D 93 4.59 10.98 -5.19
C ALA D 93 3.76 9.75 -4.88
N SER D 94 4.40 8.75 -4.30
CA SER D 94 3.70 7.53 -3.96
C SER D 94 2.59 7.81 -2.95
N GLU D 95 2.92 8.56 -1.92
CA GLU D 95 1.93 8.78 -0.88
C GLU D 95 0.83 9.76 -1.26
N VAL D 96 1.13 10.75 -2.09
CA VAL D 96 0.11 11.70 -2.49
C VAL D 96 -0.89 10.97 -3.37
N SER D 97 -0.39 10.17 -4.28
CA SER D 97 -1.27 9.42 -5.17
C SER D 97 -2.09 8.38 -4.35
N LYS D 98 -1.46 7.63 -3.46
CA LYS D 98 -2.17 6.64 -2.67
C LYS D 98 -3.25 7.31 -1.81
N GLY D 99 -2.90 8.42 -1.20
CA GLY D 99 -3.81 9.11 -0.28
C GLY D 99 -5.07 9.60 -0.96
N LEU D 100 -4.89 10.25 -2.08
CA LEU D 100 -6.00 10.77 -2.84
C LEU D 100 -6.89 9.64 -3.33
N ALA D 101 -6.29 8.58 -3.84
CA ALA D 101 -7.08 7.47 -4.36
C ALA D 101 -7.87 6.80 -3.23
N ASN D 102 -7.23 6.61 -2.10
CA ASN D 102 -7.86 5.99 -0.95
C ASN D 102 -9.02 6.83 -0.45
N LEU D 103 -8.82 8.15 -0.36
CA LEU D 103 -9.85 9.04 0.14
C LEU D 103 -11.08 9.00 -0.75
N SER D 104 -10.85 8.95 -2.06
CA SER D 104 -11.94 8.90 -3.00
C SER D 104 -12.83 7.68 -2.74
N LEU D 105 -12.19 6.54 -2.52
CA LEU D 105 -12.92 5.31 -2.26
C LEU D 105 -13.60 5.36 -0.91
N GLU D 106 -12.88 5.83 0.11
CA GLU D 106 -13.43 5.88 1.46
C GLU D 106 -14.64 6.77 1.52
N LEU D 107 -14.56 7.91 0.87
CA LEU D 107 -15.63 8.90 0.92
C LEU D 107 -16.62 8.79 -0.23
N ARG D 108 -16.40 7.82 -1.13
CA ARG D 108 -17.28 7.59 -2.27
C ARG D 108 -17.60 8.89 -3.00
N LYS D 109 -16.55 9.61 -3.34
CA LYS D 109 -16.66 10.91 -3.98
C LYS D 109 -15.49 11.10 -4.92
N PRO D 110 -15.71 11.61 -6.13
CA PRO D 110 -14.57 11.76 -7.05
C PRO D 110 -13.55 12.75 -6.56
N ILE D 111 -12.30 12.32 -6.64
CA ILE D 111 -11.15 13.19 -6.37
C ILE D 111 -10.24 12.97 -7.57
N THR D 112 -9.97 14.02 -8.35
CA THR D 112 -9.22 13.86 -9.59
C THR D 112 -7.78 14.30 -9.42
N PHE D 113 -6.94 13.84 -10.34
CA PHE D 113 -5.50 13.86 -10.16
C PHE D 113 -4.85 14.81 -11.15
N GLY D 114 -4.63 16.04 -10.68
CA GLY D 114 -3.96 17.08 -11.45
C GLY D 114 -2.58 17.35 -10.88
N VAL D 115 -1.91 16.30 -10.43
CA VAL D 115 -0.57 16.41 -9.87
C VAL D 115 0.44 15.95 -10.91
N ILE D 116 1.31 16.86 -11.31
CA ILE D 116 2.37 16.54 -12.23
C ILE D 116 3.45 15.78 -11.44
N THR D 117 3.97 14.70 -12.02
CA THR D 117 5.05 13.92 -11.42
C THR D 117 6.08 13.77 -12.51
N ALA D 118 6.94 14.78 -12.60
CA ALA D 118 7.92 14.89 -13.68
C ALA D 118 9.31 14.53 -13.29
N ASP D 119 10.06 13.96 -14.23
CA ASP D 119 11.48 13.71 -14.00
C ASP D 119 12.29 14.98 -14.13
N THR D 120 11.84 15.87 -15.01
CA THR D 120 12.56 17.11 -15.28
C THR D 120 11.70 18.36 -15.21
N LEU D 121 12.37 19.50 -15.02
CA LEU D 121 11.68 20.78 -15.03
C LEU D 121 11.02 20.98 -16.40
N GLU D 122 11.72 20.63 -17.47
CA GLU D 122 11.14 20.82 -18.81
C GLU D 122 9.81 20.09 -18.93
N GLN D 123 9.77 18.84 -18.44
CA GLN D 123 8.53 18.05 -18.47
C GLN D 123 7.42 18.69 -17.69
N ALA D 124 7.76 19.30 -16.55
CA ALA D 124 6.74 20.00 -15.77
C ALA D 124 6.19 21.19 -16.52
N ILE D 125 7.09 21.96 -17.15
CA ILE D 125 6.66 23.14 -17.91
C ILE D 125 5.76 22.71 -19.04
N GLU D 126 6.10 21.63 -19.73
CA GLU D 126 5.31 21.10 -20.84
C GLU D 126 3.88 20.84 -20.43
N ARG D 127 3.69 20.42 -19.19
CA ARG D 127 2.38 19.99 -18.70
C ARG D 127 1.62 21.05 -17.90
N ALA D 128 2.22 22.24 -17.76
CA ALA D 128 1.63 23.33 -17.01
C ALA D 128 1.24 24.53 -17.89
N GLY D 129 0.54 24.24 -18.97
CA GLY D 129 0.06 25.22 -19.90
C GLY D 129 0.93 25.47 -21.12
N THR D 130 1.76 24.50 -21.48
CA THR D 130 2.50 24.63 -22.72
C THR D 130 2.25 23.44 -23.62
N LYS D 131 3.34 22.86 -24.17
CA LYS D 131 3.09 21.97 -25.29
C LYS D 131 2.33 20.70 -25.04
N HIS D 132 2.28 20.25 -23.79
CA HIS D 132 1.53 19.05 -23.44
C HIS D 132 0.29 19.42 -22.64
N GLY D 133 -0.22 20.63 -22.84
CA GLY D 133 -1.48 21.02 -22.22
C GLY D 133 -1.34 21.53 -20.81
N ASN D 134 -2.44 21.41 -20.06
CA ASN D 134 -2.50 21.93 -18.72
C ASN D 134 -3.21 20.89 -17.88
N LYS D 135 -2.45 20.27 -16.98
CA LYS D 135 -2.98 19.17 -16.19
C LYS D 135 -4.07 19.62 -15.21
N GLY D 136 -4.10 20.88 -14.84
CA GLY D 136 -5.17 21.43 -14.01
C GLY D 136 -6.48 21.47 -14.76
N TRP D 137 -6.40 21.92 -16.01
CA TRP D 137 -7.59 21.90 -16.89
C TRP D 137 -8.11 20.48 -17.06
N GLU D 138 -7.22 19.53 -17.30
CA GLU D 138 -7.59 18.12 -17.50
C GLU D 138 -8.25 17.51 -16.25
N ALA D 139 -7.66 17.78 -15.07
CA ALA D 139 -8.21 17.26 -13.84
C ALA D 139 -9.57 17.90 -13.51
N ALA D 140 -9.74 19.16 -13.86
CA ALA D 140 -11.02 19.83 -13.65
C ALA D 140 -12.07 19.26 -14.60
N LEU D 141 -11.72 19.03 -15.86
CA LEU D 141 -12.69 18.46 -16.80
C LEU D 141 -13.14 17.08 -16.30
N SER D 142 -12.19 16.30 -15.81
CA SER D 142 -12.52 15.01 -15.25
C SER D 142 -13.47 15.13 -14.08
N ALA D 143 -13.24 16.10 -13.21
CA ALA D 143 -14.09 16.30 -12.04
C ALA D 143 -15.49 16.72 -12.46
N ILE D 144 -15.62 17.53 -13.52
CA ILE D 144 -16.95 17.90 -14.02
C ILE D 144 -17.70 16.64 -14.45
N GLU D 145 -17.03 15.80 -15.25
CA GLU D 145 -17.64 14.61 -15.77
C GLU D 145 -18.05 13.70 -14.61
N MET D 146 -17.15 13.51 -13.65
CA MET D 146 -17.40 12.60 -12.54
C MET D 146 -18.52 13.08 -11.62
N ALA D 147 -18.57 14.38 -11.37
CA ALA D 147 -19.65 14.93 -10.55
C ALA D 147 -20.99 14.70 -11.24
N ASN D 148 -21.04 14.95 -12.53
CA ASN D 148 -22.28 14.68 -13.27
C ASN D 148 -22.65 13.19 -13.28
N LEU D 149 -21.66 12.34 -13.48
CA LEU D 149 -21.88 10.91 -13.44
C LEU D 149 -22.48 10.52 -12.12
N PHE D 150 -21.90 11.04 -11.05
CA PHE D 150 -22.31 10.65 -9.71
C PHE D 150 -23.73 11.12 -9.37
N LYS D 151 -24.22 12.14 -10.03
CA LYS D 151 -25.62 12.53 -9.79
C LYS D 151 -26.58 11.38 -10.06
N SER D 152 -26.24 10.47 -10.97
CA SER D 152 -27.07 9.26 -11.15
C SER D 152 -26.49 7.98 -10.56
N LEU D 153 -25.18 7.89 -10.50
CA LEU D 153 -24.54 6.67 -10.05
C LEU D 153 -24.46 6.49 -8.52
N ARG D 154 -24.27 7.58 -7.79
CA ARG D 154 -24.04 7.55 -6.33
C ARG D 154 -25.34 7.38 -5.57
N MET E 1 -15.20 33.18 -5.00
CA MET E 1 -14.54 31.88 -4.65
C MET E 1 -14.18 31.85 -3.18
N GLN E 2 -14.44 30.76 -2.48
CA GLN E 2 -13.95 30.58 -1.11
C GLN E 2 -12.48 30.18 -1.13
N ILE E 3 -11.64 30.87 -0.37
CA ILE E 3 -10.21 30.55 -0.36
C ILE E 3 -9.77 30.34 1.05
N TYR E 4 -9.15 29.19 1.31
CA TYR E 4 -8.63 28.84 2.63
C TYR E 4 -7.13 28.72 2.55
N GLU E 5 -6.43 29.35 3.47
CA GLU E 5 -4.99 29.20 3.52
C GLU E 5 -4.48 29.42 4.94
N GLY E 6 -3.25 28.99 5.19
CA GLY E 6 -2.65 29.17 6.49
C GLY E 6 -1.59 30.26 6.43
N LYS E 7 -1.64 31.17 7.38
CA LYS E 7 -0.54 32.12 7.58
C LYS E 7 0.66 31.45 8.25
N LEU E 8 1.76 32.21 8.43
CA LEU E 8 2.99 31.59 8.94
C LEU E 8 3.38 32.06 10.31
N THR E 9 2.48 32.75 11.00
CA THR E 9 2.72 33.21 12.36
C THR E 9 2.25 32.07 13.24
N ALA E 10 3.02 31.73 14.27
CA ALA E 10 2.74 30.50 15.02
C ALA E 10 2.29 30.74 16.46
N GLU E 11 1.87 31.97 16.74
CA GLU E 11 1.37 32.29 18.08
C GLU E 11 0.27 31.33 18.49
N GLY E 12 0.43 30.75 19.66
CA GLY E 12 -0.53 29.82 20.21
C GLY E 12 -0.54 28.40 19.70
N LEU E 13 0.29 28.11 18.71
CA LEU E 13 0.27 26.79 18.11
C LEU E 13 1.11 25.83 18.91
N ARG E 14 0.72 24.57 18.92
CA ARG E 14 1.39 23.53 19.69
C ARG E 14 1.82 22.42 18.76
N PHE E 15 3.08 22.06 18.81
CA PHE E 15 3.66 21.09 17.89
C PHE E 15 4.30 19.90 18.56
N GLY E 16 4.13 18.75 17.91
CA GLY E 16 4.84 17.55 18.26
C GLY E 16 5.92 17.32 17.23
N ILE E 17 7.10 16.95 17.70
CA ILE E 17 8.21 16.57 16.84
C ILE E 17 8.62 15.17 17.23
N VAL E 18 8.69 14.26 16.25
CA VAL E 18 9.21 12.91 16.47
C VAL E 18 10.50 12.83 15.71
N ALA E 19 11.61 12.61 16.41
CA ALA E 19 12.94 12.58 15.82
C ALA E 19 13.70 11.31 16.16
N SER E 20 14.18 10.63 15.13
CA SER E 20 14.93 9.39 15.31
C SER E 20 16.40 9.66 15.64
N ARG E 21 17.05 8.65 16.20
CA ARG E 21 18.42 8.76 16.64
C ARG E 21 19.45 8.25 15.64
N PHE E 22 19.05 7.34 14.76
CA PHE E 22 19.96 6.84 13.74
C PHE E 22 20.42 8.06 12.90
N ASN E 23 21.71 8.14 12.59
CA ASN E 23 22.24 9.31 11.86
C ASN E 23 22.02 10.61 12.64
N HIS E 24 22.14 10.53 13.97
CA HIS E 24 21.87 11.66 14.83
C HIS E 24 22.70 12.91 14.56
N ALA E 25 23.93 12.75 14.05
CA ALA E 25 24.72 13.94 13.80
C ALA E 25 24.05 14.82 12.78
N LEU E 26 23.21 14.22 11.94
CA LEU E 26 22.41 14.98 10.96
C LEU E 26 21.02 15.27 11.50
N VAL E 27 20.35 14.28 12.10
CA VAL E 27 19.02 14.52 12.65
C VAL E 27 19.05 15.70 13.63
N ASP E 28 20.08 15.76 14.47
CA ASP E 28 20.13 16.80 15.47
C ASP E 28 20.12 18.20 14.85
N ARG E 29 20.69 18.32 13.65
CA ARG E 29 20.64 19.60 12.93
C ARG E 29 19.19 19.89 12.44
N LEU E 30 18.49 18.87 11.97
CA LEU E 30 17.09 19.01 11.57
C LEU E 30 16.22 19.46 12.73
N VAL E 31 16.45 18.86 13.91
CA VAL E 31 15.70 19.24 15.12
C VAL E 31 15.96 20.70 15.48
N GLU E 32 17.22 21.11 15.42
CA GLU E 32 17.56 22.51 15.67
C GLU E 32 16.79 23.41 14.71
N GLY E 33 16.72 23.02 13.44
CA GLY E 33 16.02 23.83 12.44
C GLY E 33 14.53 23.91 12.71
N ALA E 34 13.92 22.79 13.07
CA ALA E 34 12.50 22.79 13.34
C ALA E 34 12.13 23.70 14.51
N ILE E 35 12.90 23.58 15.58
CA ILE E 35 12.62 24.36 16.78
C ILE E 35 12.81 25.84 16.49
N ASP E 36 13.91 26.20 15.81
CA ASP E 36 14.17 27.60 15.48
C ASP E 36 13.04 28.17 14.62
N CYS E 37 12.60 27.41 13.62
CA CYS E 37 11.51 27.84 12.77
C CYS E 37 10.27 28.16 13.61
N ILE E 38 9.90 27.23 14.49
CA ILE E 38 8.73 27.44 15.33
C ILE E 38 8.87 28.69 16.20
N VAL E 39 9.98 28.78 16.94
CA VAL E 39 10.16 29.86 17.88
C VAL E 39 10.22 31.22 17.21
N ARG E 40 10.95 31.34 16.11
CA ARG E 40 11.09 32.66 15.51
C ARG E 40 9.87 33.04 14.69
N HIS E 41 8.95 32.10 14.45
CA HIS E 41 7.64 32.45 13.88
C HIS E 41 6.59 32.75 14.94
N GLY E 42 7.00 32.73 16.20
CA GLY E 42 6.12 33.13 17.29
C GLY E 42 5.56 32.02 18.16
N GLY E 43 5.93 30.78 17.88
CA GLY E 43 5.51 29.66 18.69
C GLY E 43 6.32 29.60 19.97
N ARG E 44 5.74 29.14 21.06
CA ARG E 44 6.50 29.05 22.30
C ARG E 44 7.23 27.72 22.38
N GLU E 45 8.48 27.73 22.83
CA GLU E 45 9.20 26.49 22.98
C GLU E 45 8.48 25.57 23.97
N GLU E 46 7.81 26.17 24.95
CA GLU E 46 7.10 25.35 25.92
C GLU E 46 5.97 24.56 25.31
N ASP E 47 5.53 24.99 24.14
CA ASP E 47 4.42 24.37 23.46
C ASP E 47 4.89 23.32 22.45
N ILE E 48 6.17 22.99 22.48
CA ILE E 48 6.69 21.89 21.65
C ILE E 48 6.85 20.66 22.49
N THR E 49 6.46 19.52 21.94
CA THR E 49 6.69 18.22 22.57
C THR E 49 7.61 17.47 21.62
N LEU E 50 8.77 17.08 22.12
CA LEU E 50 9.75 16.31 21.35
C LEU E 50 9.79 14.87 21.84
N VAL E 51 9.63 13.94 20.91
CA VAL E 51 9.70 12.52 21.22
C VAL E 51 10.86 11.94 20.43
N ARG E 52 11.78 11.25 21.10
CA ARG E 52 12.90 10.61 20.44
C ARG E 52 12.63 9.12 20.28
N VAL E 53 12.99 8.56 19.12
CA VAL E 53 12.85 7.14 18.86
C VAL E 53 14.16 6.61 18.22
N PRO E 54 14.36 5.30 18.22
CA PRO E 54 15.62 4.75 17.68
C PRO E 54 15.91 5.05 16.23
N GLY E 55 14.96 4.73 15.36
CA GLY E 55 15.17 4.90 13.93
C GLY E 55 13.96 5.34 13.19
N SER E 56 14.11 5.59 11.90
CA SER E 56 12.98 6.04 11.10
C SER E 56 11.82 5.08 11.17
N TRP E 57 12.11 3.78 11.22
CA TRP E 57 11.08 2.75 11.34
C TRP E 57 10.08 3.02 12.48
N GLU E 58 10.62 3.51 13.58
CA GLU E 58 9.86 3.75 14.80
C GLU E 58 9.14 5.11 14.84
N ILE E 59 9.41 5.98 13.88
CA ILE E 59 8.74 7.29 13.87
C ILE E 59 7.20 7.20 13.81
N PRO E 60 6.62 6.42 12.92
CA PRO E 60 5.16 6.42 12.80
C PRO E 60 4.43 6.04 14.08
N VAL E 61 4.82 4.98 14.76
CA VAL E 61 4.05 4.58 15.94
C VAL E 61 4.09 5.68 16.99
N ALA E 62 5.23 6.36 17.12
CA ALA E 62 5.30 7.48 18.07
C ALA E 62 4.50 8.68 17.60
N ALA E 63 4.56 8.96 16.30
CA ALA E 63 3.78 10.06 15.73
C ALA E 63 2.28 9.85 15.93
N GLY E 64 1.85 8.60 15.83
CA GLY E 64 0.46 8.22 16.05
C GLY E 64 0.01 8.58 17.46
N GLU E 65 0.87 8.37 18.45
CA GLU E 65 0.51 8.76 19.82
C GLU E 65 0.44 10.27 19.99
N LEU E 66 1.37 11.01 19.40
CA LEU E 66 1.35 12.47 19.50
C LEU E 66 0.21 13.09 18.76
N ALA E 67 -0.07 12.60 17.57
CA ALA E 67 -1.12 13.17 16.76
C ALA E 67 -2.49 12.97 17.38
N ARG E 68 -2.61 11.94 18.24
CA ARG E 68 -3.88 11.68 18.88
C ARG E 68 -4.15 12.65 20.02
N LYS E 69 -3.15 13.41 20.45
CA LYS E 69 -3.34 14.37 21.55
C LYS E 69 -4.14 15.57 21.08
N GLU E 70 -5.19 15.91 21.83
CA GLU E 70 -6.03 17.02 21.42
C GLU E 70 -5.31 18.38 21.49
N ASP E 71 -4.29 18.46 22.33
CA ASP E 71 -3.53 19.68 22.50
C ASP E 71 -2.27 19.73 21.62
N ILE E 72 -2.23 18.89 20.57
CA ILE E 72 -1.16 18.97 19.58
C ILE E 72 -1.80 19.34 18.26
N ASP E 73 -1.39 20.46 17.67
CA ASP E 73 -2.04 20.93 16.44
C ASP E 73 -1.50 20.31 15.16
N ALA E 74 -0.24 19.90 15.19
CA ALA E 74 0.42 19.25 14.06
C ALA E 74 1.65 18.51 14.56
N VAL E 75 2.03 17.48 13.81
CA VAL E 75 3.22 16.72 14.13
C VAL E 75 4.23 16.84 12.98
N ILE E 76 5.48 16.99 13.35
CA ILE E 76 6.59 17.11 12.41
C ILE E 76 7.46 15.86 12.59
N ALA E 77 7.63 15.09 11.51
CA ALA E 77 8.42 13.87 11.53
C ALA E 77 9.80 14.14 11.01
N ILE E 78 10.83 13.81 11.79
CA ILE E 78 12.21 14.12 11.46
C ILE E 78 13.12 12.91 11.58
N GLY E 79 13.80 12.56 10.50
CA GLY E 79 14.71 11.44 10.49
C GLY E 79 15.62 11.54 9.28
N VAL E 80 16.65 10.70 9.27
CA VAL E 80 17.59 10.67 8.16
C VAL E 80 17.89 9.24 7.74
N LEU E 81 17.40 8.90 6.55
CA LEU E 81 17.65 7.63 5.88
C LEU E 81 18.69 7.85 4.81
N ILE E 82 19.72 7.00 4.83
CA ILE E 82 20.77 7.03 3.81
C ILE E 82 20.90 5.61 3.27
N ARG E 83 20.87 5.47 1.96
CA ARG E 83 20.93 4.17 1.35
C ARG E 83 22.23 3.48 1.68
N GLY E 84 22.09 2.20 2.07
CA GLY E 84 23.22 1.33 2.31
C GLY E 84 23.43 0.40 1.11
N ALA E 85 24.09 -0.73 1.36
CA ALA E 85 24.42 -1.66 0.30
C ALA E 85 23.21 -2.51 -0.12
N THR E 86 22.26 -2.71 0.81
CA THR E 86 21.09 -3.57 0.53
C THR E 86 19.83 -2.74 0.35
N PRO E 87 18.73 -3.36 -0.06
CA PRO E 87 17.45 -2.64 -0.15
C PRO E 87 16.78 -2.33 1.17
N HIS E 88 17.44 -2.55 2.29
CA HIS E 88 16.87 -2.24 3.60
C HIS E 88 16.27 -0.81 3.63
N PHE E 89 17.02 0.17 3.12
CA PHE E 89 16.59 1.57 3.02
C PHE E 89 15.24 1.72 2.35
N ASP E 90 15.04 1.03 1.25
CA ASP E 90 13.80 1.16 0.49
C ASP E 90 12.60 0.74 1.33
N TYR E 91 12.73 -0.40 2.02
CA TYR E 91 11.60 -0.92 2.80
C TYR E 91 11.30 0.00 4.00
N ILE E 92 12.32 0.50 4.66
CA ILE E 92 12.10 1.44 5.77
C ILE E 92 11.49 2.78 5.26
N ALA E 93 12.07 3.34 4.19
CA ALA E 93 11.58 4.60 3.66
C ALA E 93 10.15 4.47 3.20
N SER E 94 9.84 3.37 2.55
CA SER E 94 8.50 3.15 2.08
C SER E 94 7.50 3.13 3.23
N GLU E 95 7.82 2.38 4.27
CA GLU E 95 6.88 2.26 5.38
C GLU E 95 6.80 3.48 6.28
N VAL E 96 7.87 4.24 6.44
CA VAL E 96 7.81 5.42 7.26
C VAL E 96 6.95 6.46 6.57
N SER E 97 7.15 6.60 5.27
CA SER E 97 6.35 7.54 4.49
C SER E 97 4.88 7.10 4.45
N LYS E 98 4.62 5.83 4.20
CA LYS E 98 3.24 5.35 4.15
C LYS E 98 2.55 5.56 5.49
N GLY E 99 3.24 5.20 6.56
CA GLY E 99 2.68 5.29 7.90
C GLY E 99 2.27 6.69 8.29
N LEU E 100 3.18 7.61 8.08
CA LEU E 100 2.91 8.98 8.42
C LEU E 100 1.74 9.53 7.61
N ALA E 101 1.73 9.22 6.32
CA ALA E 101 0.68 9.74 5.45
C ALA E 101 -0.67 9.17 5.87
N ASN E 102 -0.69 7.87 6.16
CA ASN E 102 -1.91 7.20 6.57
C ASN E 102 -2.44 7.76 7.90
N LEU E 103 -1.54 8.01 8.85
CA LEU E 103 -1.93 8.53 10.15
C LEU E 103 -2.54 9.92 10.03
N SER E 104 -1.97 10.73 9.16
CA SER E 104 -2.48 12.06 8.94
C SER E 104 -3.94 12.00 8.47
N LEU E 105 -4.23 11.09 7.55
CA LEU E 105 -5.58 10.96 7.02
C LEU E 105 -6.51 10.36 8.05
N GLU E 106 -6.06 9.33 8.77
CA GLU E 106 -6.87 8.67 9.79
C GLU E 106 -7.26 9.63 10.90
N LEU E 107 -6.30 10.41 11.36
CA LEU E 107 -6.53 11.31 12.48
C LEU E 107 -6.95 12.72 12.07
N ARG E 108 -7.04 12.96 10.76
CA ARG E 108 -7.43 14.27 10.22
C ARG E 108 -6.67 15.37 10.88
N LYS E 109 -5.34 15.22 10.86
CA LYS E 109 -4.44 16.18 11.48
C LYS E 109 -3.14 16.25 10.66
N PRO E 110 -2.59 17.42 10.45
CA PRO E 110 -1.37 17.52 9.66
C PRO E 110 -0.21 16.86 10.32
N ILE E 111 0.48 16.05 9.54
CA ILE E 111 1.75 15.43 9.96
C ILE E 111 2.69 15.73 8.79
N THR E 112 3.75 16.49 9.04
CA THR E 112 4.62 16.92 7.95
C THR E 112 5.87 16.04 7.87
N PHE E 113 6.51 16.11 6.72
CA PHE E 113 7.55 15.15 6.34
C PHE E 113 8.94 15.78 6.28
N GLY E 114 9.67 15.68 7.39
CA GLY E 114 11.03 16.17 7.47
C GLY E 114 12.01 15.02 7.54
N VAL E 115 11.69 13.94 6.84
CA VAL E 115 12.56 12.78 6.77
C VAL E 115 13.41 12.83 5.49
N ILE E 116 14.71 12.93 5.64
CA ILE E 116 15.61 12.86 4.51
C ILE E 116 15.69 11.39 4.03
N THR E 117 15.63 11.20 2.73
CA THR E 117 15.74 9.88 2.12
C THR E 117 16.79 10.05 1.03
N ALA E 118 18.04 9.90 1.43
CA ALA E 118 19.16 10.16 0.57
C ALA E 118 19.86 8.94 0.04
N ASP E 119 20.41 9.03 -1.17
CA ASP E 119 21.21 7.95 -1.71
C ASP E 119 22.62 7.95 -1.11
N THR E 120 23.11 9.14 -0.78
CA THR E 120 24.45 9.30 -0.26
C THR E 120 24.52 10.14 1.01
N LEU E 121 25.60 9.97 1.75
CA LEU E 121 25.87 10.78 2.89
C LEU E 121 25.97 12.26 2.52
N GLU E 122 26.65 12.56 1.42
CA GLU E 122 26.77 13.94 0.98
C GLU E 122 25.38 14.58 0.79
N GLN E 123 24.45 13.86 0.17
CA GLN E 123 23.11 14.37 -0.04
C GLN E 123 22.40 14.65 1.28
N ALA E 124 22.62 13.77 2.25
CA ALA E 124 22.03 14.00 3.58
C ALA E 124 22.60 15.26 4.23
N ILE E 125 23.92 15.43 4.14
CA ILE E 125 24.54 16.61 4.72
C ILE E 125 24.01 17.85 4.04
N GLU E 126 23.86 17.82 2.73
CA GLU E 126 23.34 18.96 1.97
C GLU E 126 22.01 19.43 2.50
N ARG E 127 21.18 18.49 2.96
CA ARG E 127 19.83 18.77 3.36
C ARG E 127 19.63 18.94 4.86
N ALA E 128 20.72 18.86 5.63
CA ALA E 128 20.65 18.98 7.06
C ALA E 128 21.38 20.21 7.57
N GLY E 129 21.04 21.34 6.98
CA GLY E 129 21.62 22.61 7.35
C GLY E 129 22.81 23.09 6.56
N THR E 130 22.99 22.58 5.35
CA THR E 130 24.00 23.12 4.48
C THR E 130 23.42 23.58 3.16
N LYS E 131 24.07 23.19 2.05
CA LYS E 131 23.74 23.87 0.79
C LYS E 131 22.32 23.73 0.24
N HIS E 132 21.60 22.69 0.64
CA HIS E 132 20.22 22.49 0.23
C HIS E 132 19.25 22.75 1.37
N GLY E 133 19.66 23.58 2.33
CA GLY E 133 18.77 24.00 3.40
C GLY E 133 18.68 22.99 4.53
N ASN E 134 17.58 23.06 5.26
CA ASN E 134 17.37 22.26 6.45
C ASN E 134 15.96 21.72 6.39
N LYS E 135 15.84 20.42 6.19
CA LYS E 135 14.53 19.78 5.99
C LYS E 135 13.67 19.84 7.24
N GLY E 136 14.29 19.97 8.41
CA GLY E 136 13.55 20.13 9.66
C GLY E 136 12.85 21.50 9.68
N TRP E 137 13.60 22.52 9.31
CA TRP E 137 13.04 23.87 9.20
C TRP E 137 11.87 23.88 8.19
N GLU E 138 12.05 23.26 7.04
CA GLU E 138 11.00 23.19 6.02
C GLU E 138 9.75 22.43 6.52
N ALA E 139 9.94 21.29 7.18
CA ALA E 139 8.79 20.52 7.68
C ALA E 139 8.07 21.27 8.81
N ALA E 140 8.81 22.03 9.60
CA ALA E 140 8.20 22.84 10.65
C ALA E 140 7.37 23.97 10.06
N LEU E 141 7.92 24.65 9.05
CA LEU E 141 7.21 25.74 8.40
C LEU E 141 5.91 25.21 7.80
N SER E 142 5.99 24.05 7.17
CA SER E 142 4.78 23.42 6.65
C SER E 142 3.75 23.15 7.74
N ALA E 143 4.22 22.68 8.88
CA ALA E 143 3.32 22.37 9.98
C ALA E 143 2.64 23.62 10.53
N ILE E 144 3.38 24.73 10.60
CA ILE E 144 2.82 26.00 11.01
C ILE E 144 1.66 26.38 10.08
N GLU E 145 1.93 26.30 8.79
CA GLU E 145 0.95 26.69 7.81
C GLU E 145 -0.28 25.80 7.90
N MET E 146 -0.06 24.48 8.01
CA MET E 146 -1.13 23.52 8.06
C MET E 146 -1.98 23.65 9.34
N ALA E 147 -1.32 23.89 10.47
CA ALA E 147 -2.06 24.09 11.71
C ALA E 147 -2.97 25.32 11.61
N ASN E 148 -2.43 26.40 11.06
CA ASN E 148 -3.22 27.61 10.85
C ASN E 148 -4.39 27.36 9.86
N LEU E 149 -4.10 26.65 8.78
CA LEU E 149 -5.12 26.33 7.81
C LEU E 149 -6.24 25.56 8.48
N PHE E 150 -5.87 24.57 9.30
CA PHE E 150 -6.84 23.71 9.93
C PHE E 150 -7.72 24.44 10.95
N LYS E 151 -7.25 25.54 11.49
CA LYS E 151 -8.09 26.30 12.39
C LYS E 151 -9.41 26.70 11.69
N SER E 152 -9.41 26.89 10.36
CA SER E 152 -10.67 27.15 9.65
C SER E 152 -11.21 25.97 8.84
N LEU E 153 -10.32 25.12 8.37
CA LEU E 153 -10.71 24.04 7.51
C LEU E 153 -11.27 22.81 8.23
N ARG E 154 -10.73 22.48 9.39
CA ARG E 154 -11.07 21.24 10.13
C ARG E 154 -12.39 21.40 10.91
P PO4 F . 13.95 -17.32 -5.96
O1 PO4 F . 14.12 -16.86 -4.52
O2 PO4 F . 13.77 -16.10 -6.79
O3 PO4 F . 12.77 -18.22 -6.06
O4 PO4 F . 15.22 -17.91 -6.46
O15 RDL G . 4.36 -19.05 2.36
C15 RDL G . 5.39 -19.95 1.98
C14 RDL G . 6.65 -19.17 1.57
O14 RDL G . 6.37 -18.36 0.41
C13 RDL G . 7.15 -18.26 2.67
O13 RDL G . 7.48 -19.06 3.82
C12 RDL G . 8.33 -17.39 2.26
O12 RDL G . 8.68 -16.46 3.28
C11 RDL G . 9.55 -18.20 2.03
N9 RDL G . 10.66 -17.60 1.31
C8 RDL G . 10.75 -17.83 0.01
O8 RDL G . 9.86 -18.46 -0.60
C7 RDL G . 11.94 -17.37 -0.73
O7 RDL G . 12.04 -17.63 -1.96
C10 RDL G . 11.60 -16.93 1.99
C5 RDL G . 12.76 -16.47 1.25
N6 RDL G . 12.89 -16.70 -0.08
C4 RDL G . 13.78 -15.78 2.00
O4 RDL G . 14.80 -15.34 1.41
N3 RDL G . 13.59 -15.58 3.31
C2 RDL G . 12.45 -16.00 3.94
N1 RDL G . 11.51 -16.65 3.30
O2 RDL G . 12.32 -15.76 5.16
P PO4 H . 2.03 -9.15 -21.01
O1 PO4 H . 1.93 -10.18 -19.92
O2 PO4 H . 2.89 -8.04 -20.54
O3 PO4 H . 0.67 -8.62 -21.37
O4 PO4 H . 2.76 -9.69 -22.19
O15 RDL I . -8.83 -10.24 -14.30
C15 RDL I . -8.47 -10.84 -15.56
C14 RDL I . -6.95 -11.01 -15.64
O14 RDL I . -6.28 -9.75 -15.61
C13 RDL I . -6.45 -11.88 -14.48
O13 RDL I . -7.03 -13.19 -14.59
C12 RDL I . -4.90 -11.99 -14.46
O12 RDL I . -4.45 -12.70 -13.31
C11 RDL I . -4.44 -12.79 -15.62
N9 RDL I . -3.02 -12.74 -15.97
C8 RDL I . -2.65 -11.91 -16.96
O8 RDL I . -3.46 -11.12 -17.47
C7 RDL I . -1.26 -11.91 -17.42
O7 RDL I . -0.93 -11.14 -18.35
C10 RDL I . -2.15 -13.59 -15.42
C5 RDL I . -0.77 -13.56 -15.86
N6 RDL I . -0.37 -12.74 -16.85
C4 RDL I . 0.13 -14.52 -15.24
O4 RDL I . 1.32 -14.57 -15.62
N3 RDL I . -0.34 -15.33 -14.28
C2 RDL I . -1.62 -15.25 -13.85
N1 RDL I . -2.49 -14.42 -14.41
O2 RDL I . -1.98 -16.00 -12.92
P PO4 J . 3.15 11.70 -19.60
O1 PO4 J . 2.11 10.61 -19.69
O2 PO4 J . 4.24 11.11 -18.77
O3 PO4 J . 2.60 12.93 -18.94
O4 PO4 J . 3.81 11.93 -20.91
O15 RDL K . -7.72 12.75 -12.88
C15 RDL K . -7.41 13.26 -14.17
C14 RDL K . -6.37 12.36 -14.85
O14 RDL K . -5.15 12.32 -14.10
C13 RDL K . -6.89 10.94 -15.02
O13 RDL K . -8.10 10.96 -15.81
C12 RDL K . -5.85 9.97 -15.59
O12 RDL K . -6.31 8.62 -15.55
C11 RDL K . -5.57 10.30 -17.02
N9 RDL K . -4.36 9.75 -17.65
C8 RDL K . -3.27 10.52 -17.71
O8 RDL K . -3.20 11.65 -17.15
C7 RDL K . -2.08 10.05 -18.45
O7 RDL K . -1.07 10.78 -18.53
C10 RDL K . -4.42 8.57 -18.26
C5 RDL K . -3.25 8.09 -18.95
N6 RDL K . -2.13 8.86 -19.03
C4 RDL K . -3.33 6.81 -19.60
O4 RDL K . -2.33 6.37 -20.25
N3 RDL K . -4.49 6.14 -19.50
C2 RDL K . -5.52 6.58 -18.77
N1 RDL K . -5.48 7.76 -18.17
O2 RDL K . -6.55 5.87 -18.68
P PO4 L . 15.76 16.39 -3.59
O1 PO4 L . 14.43 16.85 -4.14
O2 PO4 L . 15.97 14.95 -3.89
O3 PO4 L . 15.83 16.67 -2.13
O4 PO4 L . 16.84 17.06 -4.35
O15 RDL M . 6.16 18.11 4.72
C15 RDL M . 7.13 19.04 4.25
C14 RDL M . 7.58 18.66 2.84
O14 RDL M . 8.23 17.39 2.85
C13 RDL M . 6.41 18.63 1.86
O13 RDL M . 5.85 19.94 1.81
C12 RDL M . 6.85 18.19 0.45
O12 RDL M . 5.69 18.02 -0.39
C11 RDL M . 7.75 19.17 -0.19
N9 RDL M . 8.47 18.79 -1.37
C8 RDL M . 9.73 18.40 -1.22
O8 RDL M . 10.22 18.30 -0.08
C7 RDL M . 10.56 18.11 -2.40
O7 RDL M . 11.77 17.80 -2.29
C10 RDL M . 7.91 18.88 -2.60
C5 RDL M . 8.73 18.58 -3.75
N6 RDL M . 10.01 18.21 -3.62
C4 RDL M . 8.14 18.72 -5.05
O4 RDL M . 8.83 18.49 -6.09
N3 RDL M . 6.85 19.11 -5.11
C2 RDL M . 6.11 19.32 -4.00
N1 RDL M . 6.62 19.21 -2.78
O2 RDL M . 4.90 19.64 -4.14
P PO4 N . 22.42 -1.54 4.80
O1 PO4 N . 21.90 -0.21 5.25
O2 PO4 N . 21.87 -1.91 3.49
O3 PO4 N . 22.13 -2.55 5.83
O4 PO4 N . 23.88 -1.34 4.58
O15 RDL O . 13.65 -1.50 14.13
C15 RDL O . 15.06 -1.49 14.21
C14 RDL O . 15.65 -0.81 12.98
O14 RDL O . 15.36 -1.57 11.78
C13 RDL O . 15.12 0.61 12.81
O13 RDL O . 15.48 1.40 13.95
C12 RDL O . 15.59 1.26 11.50
O12 RDL O . 14.96 2.52 11.27
C11 RDL O . 17.07 1.51 11.56
N9 RDL O . 17.76 1.88 10.34
C8 RDL O . 18.45 0.92 9.74
O8 RDL O . 18.34 -0.25 10.17
C7 RDL O . 19.30 1.20 8.59
O7 RDL O . 19.91 0.26 8.01
C10 RDL O . 17.85 3.16 9.90
C5 RDL O . 18.70 3.41 8.75
N6 RDL O . 19.36 2.46 8.13
C4 RDL O . 18.73 4.79 8.30
O4 RDL O . 19.44 5.06 7.29
N3 RDL O . 18.03 5.70 8.96
C2 RDL O . 17.26 5.42 10.05
N1 RDL O . 17.16 4.17 10.45
O2 RDL O . 16.58 6.31 10.59
#